data_6Z9X
#
_entry.id   6Z9X
#
_cell.length_a   206.240
_cell.length_b   49.350
_cell.length_c   115.900
_cell.angle_alpha   90.000
_cell.angle_beta   123.850
_cell.angle_gamma   90.000
#
_symmetry.space_group_name_H-M   'C 1 2 1'
#
loop_
_entity.id
_entity.type
_entity.pdbx_description
1 polymer 'MHC class I antigen'
2 polymer Beta-2-microglobulin
3 polymer LEU-LEU-SER-TUR-PHE-GLY-THR-PRO-THR
4 non-polymer 'SULFATE ION'
5 water water
#
loop_
_entity_poly.entity_id
_entity_poly.type
_entity_poly.pdbx_seq_one_letter_code
_entity_poly.pdbx_strand_id
1 'polypeptide(L)'
;GSHSMRYFFTSVSRPGRGEPRFIAVGYVDDTQFVRFDSDAASQRMEPRAPWIEQEGPEYWDGETRKVKAHSQTHRVDLGT
LRGYYNQSEAGSHTVQRMYGCDVGSDWRFLRGYHQYAYDGKDYIALKEDLRSWTAADMAAQTTKHKWEAAHVAEQLRAYL
EGTCVEWLRRYLENGKETLQRTDAPKTHMTHHAVSDHEATLRCWALSFYPAEITLTWQRDGEDQTQDTELVETRPAGDGT
FQKWAAVVVPSGQEQRYTCHVQHEGLPKPLTLRWEP
;
A,D
2 'polypeptide(L)'
;MIQRTPKIQVYSRHPAENGKSNFLNCYVSGFHPSDIEVDLLKNGERIEKVEHSDLSFSKDWSFYLLYYTEFTPTEKDEYA
CRVNHVTLSQPKIVKWDRDM
;
B,E
3 'polypeptide(L)' LLS(QCN)FGTPT C,F
#
loop_
_chem_comp.id
_chem_comp.type
_chem_comp.name
_chem_comp.formula
QCN non-polymer (2~{S})-2-azanyl-3-(3-~{tert}-butyl-4-oxidanyl-phenyl)propanal 'C13 H19 N O3'
SO4 non-polymer 'SULFATE ION' 'O4 S -2'
#
# COMPACT_ATOMS: atom_id res chain seq x y z
N GLY A 1 -4.00 -17.43 13.93
CA GLY A 1 -5.21 -16.74 13.29
C GLY A 1 -4.95 -15.26 13.08
N SER A 2 -5.95 -14.50 12.63
CA SER A 2 -5.78 -13.15 12.07
C SER A 2 -5.15 -12.18 13.08
N HIS A 3 -5.31 -12.41 14.39
CA HIS A 3 -4.96 -11.41 15.42
C HIS A 3 -4.66 -12.08 16.76
N SER A 4 -3.65 -11.53 17.47
CA SER A 4 -2.94 -12.10 18.64
C SER A 4 -2.48 -10.98 19.58
N MET A 5 -2.75 -11.08 20.88
CA MET A 5 -2.17 -10.21 21.93
C MET A 5 -1.30 -11.05 22.86
N ARG A 6 0.00 -10.72 22.96
CA ARG A 6 0.99 -11.45 23.80
C ARG A 6 1.66 -10.46 24.73
N TYR A 7 2.09 -10.93 25.91
CA TYR A 7 2.88 -10.18 26.92
C TYR A 7 4.17 -10.95 27.26
N PHE A 8 5.35 -10.29 27.28
CA PHE A 8 6.68 -10.94 27.40
C PHE A 8 7.39 -10.36 28.63
N PHE A 9 7.67 -11.18 29.62
CA PHE A 9 8.38 -10.82 30.87
C PHE A 9 9.73 -11.54 30.86
N THR A 10 10.80 -10.84 31.18
CA THR A 10 12.12 -11.38 31.55
C THR A 10 12.52 -10.72 32.86
N SER A 11 12.90 -11.53 33.84
CA SER A 11 13.56 -11.13 35.09
C SER A 11 14.96 -11.80 35.14
N VAL A 12 16.00 -11.04 35.49
CA VAL A 12 17.42 -11.50 35.49
C VAL A 12 17.98 -11.16 36.86
N SER A 13 18.45 -12.13 37.61
CA SER A 13 19.06 -11.90 38.95
C SER A 13 20.47 -11.30 38.75
N ARG A 14 20.87 -10.37 39.60
CA ARG A 14 22.29 -9.89 39.69
C ARG A 14 22.71 -9.84 41.16
N PRO A 15 23.31 -10.91 41.71
CA PRO A 15 23.37 -11.08 43.16
C PRO A 15 24.22 -10.03 43.89
N GLY A 16 25.49 -9.90 43.49
CA GLY A 16 26.41 -8.89 44.04
C GLY A 16 25.86 -7.48 43.90
N ARG A 17 24.97 -7.25 42.93
CA ARG A 17 24.54 -5.89 42.53
C ARG A 17 23.01 -5.79 42.48
N GLY A 18 22.30 -6.11 43.55
CA GLY A 18 20.97 -5.55 43.82
C GLY A 18 19.84 -6.32 43.15
N GLU A 19 18.67 -5.71 43.11
CA GLU A 19 17.39 -6.38 42.78
C GLU A 19 17.44 -6.84 41.33
N PRO A 20 16.66 -7.89 40.94
CA PRO A 20 16.77 -8.45 39.60
C PRO A 20 16.33 -7.43 38.55
N ARG A 21 16.87 -7.48 37.33
CA ARG A 21 16.37 -6.66 36.21
C ARG A 21 15.03 -7.24 35.77
N PHE A 22 14.00 -6.39 35.57
CA PHE A 22 12.67 -6.80 35.08
C PHE A 22 12.32 -5.97 33.86
N ILE A 23 11.89 -6.64 32.79
CA ILE A 23 11.47 -6.07 31.49
C ILE A 23 10.15 -6.75 31.07
N ALA A 24 9.06 -5.98 30.95
CA ALA A 24 7.76 -6.49 30.45
C ALA A 24 7.51 -5.87 29.09
N VAL A 25 6.96 -6.61 28.16
CA VAL A 25 6.55 -6.06 26.83
C VAL A 25 5.20 -6.69 26.44
N GLY A 26 4.29 -5.86 25.93
CA GLY A 26 3.02 -6.24 25.30
C GLY A 26 3.08 -6.05 23.79
N TYR A 27 2.40 -6.94 23.08
CA TYR A 27 2.39 -7.04 21.61
C TYR A 27 0.94 -7.30 21.17
N VAL A 28 0.48 -6.51 20.21
CA VAL A 28 -0.59 -6.90 19.29
C VAL A 28 0.07 -7.28 17.95
N ASP A 29 -0.23 -8.49 17.49
CA ASP A 29 0.45 -9.17 16.35
C ASP A 29 1.94 -8.82 16.40
N ASP A 30 2.49 -8.24 15.34
CA ASP A 30 3.93 -7.91 15.25
C ASP A 30 4.20 -6.49 15.76
N THR A 31 3.30 -5.90 16.57
CA THR A 31 3.35 -4.47 17.00
C THR A 31 3.49 -4.35 18.52
N GLN A 32 4.45 -3.52 18.98
CA GLN A 32 4.71 -3.25 20.42
C GLN A 32 3.97 -2.01 20.82
N PHE A 33 3.00 -2.11 21.73
CA PHE A 33 2.22 -0.95 22.26
C PHE A 33 2.71 -0.51 23.66
N VAL A 34 3.25 -1.38 24.50
CA VAL A 34 3.66 -1.00 25.90
C VAL A 34 4.95 -1.70 26.32
N ARG A 35 5.69 -1.06 27.24
CA ARG A 35 7.01 -1.49 27.77
C ARG A 35 7.21 -1.02 29.21
N PHE A 36 7.71 -1.88 30.07
CA PHE A 36 8.26 -1.52 31.38
C PHE A 36 9.71 -2.01 31.41
N ASP A 37 10.63 -1.17 31.92
CA ASP A 37 12.04 -1.50 32.19
C ASP A 37 12.43 -1.00 33.60
N SER A 38 12.77 -1.90 34.52
CA SER A 38 13.16 -1.60 35.93
C SER A 38 14.40 -0.69 35.99
N ASP A 39 15.17 -0.53 34.90
CA ASP A 39 16.43 0.25 34.91
C ASP A 39 16.19 1.60 34.20
N ALA A 40 14.94 2.06 34.07
CA ALA A 40 14.54 3.26 33.29
C ALA A 40 13.96 4.34 34.21
N ALA A 41 14.02 5.62 33.78
CA ALA A 41 13.79 6.81 34.63
C ALA A 41 12.43 6.66 35.29
N SER A 42 11.38 6.84 34.48
CA SER A 42 9.97 7.06 34.88
C SER A 42 9.48 5.97 35.86
N GLN A 43 10.02 4.76 35.80
CA GLN A 43 9.54 3.64 36.65
C GLN A 43 8.06 3.39 36.34
N ARG A 44 7.61 3.72 35.11
CA ARG A 44 6.20 3.66 34.67
C ARG A 44 6.02 2.75 33.45
N MET A 45 4.83 2.15 33.29
CA MET A 45 4.38 1.59 32.00
C MET A 45 4.39 2.70 30.94
N GLU A 46 5.20 2.57 29.90
CA GLU A 46 5.36 3.61 28.85
C GLU A 46 4.70 3.16 27.55
N PRO A 47 4.06 4.08 26.78
CA PRO A 47 3.61 3.75 25.43
C PRO A 47 4.77 3.55 24.44
N ARG A 48 4.47 2.86 23.32
CA ARG A 48 5.37 2.70 22.15
C ARG A 48 4.57 2.61 20.84
N ALA A 49 3.26 2.93 20.88
CA ALA A 49 2.37 2.95 19.67
C ALA A 49 1.44 4.17 19.72
N PRO A 50 1.02 4.75 18.58
CA PRO A 50 0.18 5.94 18.62
C PRO A 50 -1.19 5.63 19.25
N TRP A 51 -1.79 4.51 18.83
CA TRP A 51 -3.18 4.13 19.16
C TRP A 51 -3.33 3.66 20.62
N ILE A 52 -2.32 3.84 21.47
CA ILE A 52 -2.42 3.50 22.93
C ILE A 52 -2.24 4.76 23.78
N GLU A 53 -1.62 5.80 23.23
CA GLU A 53 -1.38 7.13 23.85
C GLU A 53 -2.71 7.80 24.22
N GLN A 54 -3.78 7.48 23.49
CA GLN A 54 -5.12 8.09 23.67
C GLN A 54 -5.71 7.62 24.99
N GLU A 55 -5.20 6.52 25.54
CA GLU A 55 -5.75 5.90 26.77
C GLU A 55 -5.52 6.82 27.96
N GLY A 56 -6.49 6.85 28.87
CA GLY A 56 -6.56 7.80 29.97
C GLY A 56 -5.62 7.41 31.13
N PRO A 57 -5.33 8.34 32.05
CA PRO A 57 -4.46 8.06 33.20
C PRO A 57 -4.87 6.90 34.13
N GLU A 58 -6.13 6.44 34.11
CA GLU A 58 -6.55 5.25 34.91
C GLU A 58 -5.84 4.01 34.33
N TYR A 59 -5.72 3.95 33.00
CA TYR A 59 -5.05 2.87 32.24
C TYR A 59 -3.61 2.75 32.70
N TRP A 60 -2.85 3.86 32.60
CA TRP A 60 -1.38 3.85 32.86
C TRP A 60 -1.10 3.47 34.33
N ASP A 61 -1.79 4.10 35.27
CA ASP A 61 -1.66 3.84 36.74
C ASP A 61 -1.91 2.35 37.00
N GLY A 62 -3.06 1.84 36.59
CA GLY A 62 -3.33 0.39 36.63
C GLY A 62 -2.11 -0.36 36.19
N GLU A 63 -1.77 -0.30 34.89
CA GLU A 63 -0.68 -1.12 34.28
C GLU A 63 0.59 -1.05 35.11
N THR A 64 1.01 0.14 35.47
CA THR A 64 2.23 0.38 36.27
C THR A 64 2.13 -0.43 37.57
N ARG A 65 0.98 -0.36 38.24
CA ARG A 65 0.73 -1.13 39.49
C ARG A 65 0.93 -2.62 39.19
N LYS A 66 0.21 -3.15 38.19
CA LYS A 66 0.14 -4.61 37.90
C LYS A 66 1.50 -5.10 37.43
N VAL A 67 2.22 -4.28 36.69
CA VAL A 67 3.52 -4.66 36.11
C VAL A 67 4.56 -4.72 37.24
N LYS A 68 4.51 -3.79 38.20
CA LYS A 68 5.36 -3.85 39.42
C LYS A 68 4.96 -5.09 40.23
N ALA A 69 3.67 -5.38 40.33
CA ALA A 69 3.16 -6.61 40.94
C ALA A 69 3.85 -7.83 40.30
N HIS A 70 3.89 -7.89 38.97
CA HIS A 70 4.51 -8.99 38.18
C HIS A 70 6.00 -9.11 38.52
N SER A 71 6.75 -7.99 38.45
CA SER A 71 8.19 -7.98 38.77
C SER A 71 8.42 -8.48 40.19
N GLN A 72 7.54 -8.14 41.14
CA GLN A 72 7.67 -8.59 42.55
C GLN A 72 7.45 -10.10 42.63
N THR A 73 6.48 -10.66 41.88
CA THR A 73 6.30 -12.14 41.81
C THR A 73 7.60 -12.74 41.27
N HIS A 74 8.09 -12.27 40.12
CA HIS A 74 9.37 -12.73 39.50
C HIS A 74 10.55 -12.62 40.49
N ARG A 75 10.62 -11.56 41.30
CA ARG A 75 11.74 -11.41 42.28
C ARG A 75 11.74 -12.64 43.20
N VAL A 76 10.60 -13.02 43.76
CA VAL A 76 10.46 -14.25 44.61
C VAL A 76 10.95 -15.45 43.78
N ASP A 77 10.40 -15.59 42.58
CA ASP A 77 10.59 -16.79 41.70
C ASP A 77 12.06 -17.11 41.56
N LEU A 78 12.92 -16.09 41.40
CA LEU A 78 14.42 -16.27 41.30
C LEU A 78 14.99 -16.84 42.61
N GLY A 79 14.53 -16.40 43.78
CA GLY A 79 14.81 -17.08 45.07
C GLY A 79 14.44 -18.56 45.00
N THR A 80 13.15 -18.87 45.08
CA THR A 80 12.58 -20.23 45.09
C THR A 80 13.34 -21.16 44.14
N LEU A 81 13.70 -20.69 42.95
CA LEU A 81 14.24 -21.50 41.85
C LEU A 81 15.68 -21.89 42.17
N ARG A 82 16.54 -20.87 42.33
CA ARG A 82 17.95 -21.07 42.74
C ARG A 82 17.97 -22.23 43.75
N GLY A 83 17.17 -22.11 44.83
CA GLY A 83 16.87 -23.17 45.81
C GLY A 83 16.47 -24.49 45.16
N TYR A 84 15.36 -24.55 44.41
CA TYR A 84 14.85 -25.81 43.82
C TYR A 84 16.01 -26.55 43.16
N TYR A 85 16.76 -25.87 42.31
CA TYR A 85 17.87 -26.46 41.52
C TYR A 85 19.18 -26.35 42.30
N ASN A 86 19.15 -25.82 43.52
CA ASN A 86 20.30 -25.83 44.46
C ASN A 86 21.49 -25.09 43.85
N GLN A 87 21.26 -24.02 43.10
CA GLN A 87 22.32 -23.25 42.41
C GLN A 87 22.96 -22.32 43.43
N SER A 88 24.24 -22.05 43.27
CA SER A 88 24.99 -21.13 44.16
C SER A 88 24.38 -19.73 44.01
N GLU A 89 24.70 -18.84 44.95
CA GLU A 89 24.23 -17.42 45.01
C GLU A 89 25.07 -16.56 44.07
N ALA A 90 26.05 -17.18 43.38
CA ALA A 90 27.15 -16.53 42.64
C ALA A 90 26.71 -16.17 41.22
N GLY A 91 25.78 -16.92 40.64
CA GLY A 91 25.52 -16.86 39.19
C GLY A 91 24.30 -16.03 38.87
N SER A 92 24.23 -15.46 37.65
CA SER A 92 23.00 -14.87 37.08
C SER A 92 22.05 -15.94 36.54
N HIS A 93 20.75 -15.79 36.78
CA HIS A 93 19.70 -16.72 36.31
C HIS A 93 18.51 -15.94 35.81
N THR A 94 17.82 -16.49 34.81
CA THR A 94 16.81 -15.79 33.98
C THR A 94 15.47 -16.50 34.08
N VAL A 95 14.43 -15.75 34.34
CA VAL A 95 13.03 -16.21 34.27
C VAL A 95 12.36 -15.46 33.13
N GLN A 96 11.72 -16.19 32.23
CA GLN A 96 10.95 -15.64 31.11
C GLN A 96 9.54 -16.19 31.15
N ARG A 97 8.60 -15.32 30.81
CA ARG A 97 7.16 -15.57 30.86
C ARG A 97 6.55 -14.93 29.64
N MET A 98 5.52 -15.55 29.11
CA MET A 98 4.82 -15.17 27.90
C MET A 98 3.38 -15.68 28.05
N TYR A 99 2.43 -14.76 28.10
CA TYR A 99 1.00 -15.09 27.99
C TYR A 99 0.30 -14.11 27.07
N GLY A 100 -0.90 -14.54 26.66
CA GLY A 100 -1.82 -13.75 25.84
C GLY A 100 -2.78 -14.68 25.14
N CYS A 101 -3.63 -14.11 24.29
CA CYS A 101 -4.66 -14.84 23.54
C CYS A 101 -4.49 -14.58 22.04
N ASP A 102 -4.89 -15.55 21.20
CA ASP A 102 -5.12 -15.37 19.74
C ASP A 102 -6.61 -15.22 19.54
N VAL A 103 -7.05 -14.40 18.60
CA VAL A 103 -8.44 -14.46 18.08
C VAL A 103 -8.38 -14.78 16.58
N GLY A 104 -9.51 -15.25 16.02
CA GLY A 104 -9.67 -15.62 14.61
C GLY A 104 -10.37 -14.51 13.84
N SER A 105 -10.53 -14.67 12.53
CA SER A 105 -10.85 -13.57 11.58
C SER A 105 -12.15 -12.85 11.95
N ASP A 106 -13.03 -13.50 12.76
CA ASP A 106 -14.29 -12.95 13.36
C ASP A 106 -14.03 -12.32 14.75
N TRP A 107 -12.81 -12.42 15.27
CA TRP A 107 -12.30 -11.83 16.56
C TRP A 107 -12.90 -12.54 17.79
N ARG A 108 -13.37 -13.78 17.64
CA ARG A 108 -13.72 -14.64 18.80
C ARG A 108 -12.48 -15.44 19.21
N PHE A 109 -12.38 -15.70 20.51
CA PHE A 109 -11.29 -16.43 21.19
C PHE A 109 -10.90 -17.62 20.33
N LEU A 110 -9.64 -17.68 19.90
CA LEU A 110 -9.03 -18.87 19.22
C LEU A 110 -8.43 -19.81 20.25
N ARG A 111 -7.61 -19.26 21.15
CA ARG A 111 -6.72 -20.07 21.99
C ARG A 111 -5.99 -19.16 23.00
N GLY A 112 -5.67 -19.76 24.15
CA GLY A 112 -4.91 -19.17 25.24
C GLY A 112 -3.54 -19.82 25.32
N TYR A 113 -2.60 -19.15 25.98
CA TYR A 113 -1.27 -19.71 26.26
C TYR A 113 -0.60 -18.92 27.38
N HIS A 114 0.10 -19.63 28.26
CA HIS A 114 0.84 -19.08 29.42
C HIS A 114 2.02 -19.99 29.72
N GLN A 115 3.19 -19.58 29.25
CA GLN A 115 4.46 -20.34 29.20
C GLN A 115 5.52 -19.62 30.06
N TYR A 116 6.28 -20.42 30.80
CA TYR A 116 7.34 -20.01 31.76
C TYR A 116 8.60 -20.80 31.41
N ALA A 117 9.75 -20.14 31.40
CA ALA A 117 11.08 -20.75 31.25
C ALA A 117 11.98 -20.30 32.42
N TYR A 118 13.02 -21.08 32.72
CA TYR A 118 14.13 -20.74 33.64
C TYR A 118 15.44 -21.07 32.90
N ASP A 119 16.30 -20.08 32.73
CA ASP A 119 17.64 -20.20 32.09
C ASP A 119 17.49 -20.62 30.63
N GLY A 120 16.44 -20.17 29.96
CA GLY A 120 16.21 -20.45 28.53
C GLY A 120 15.58 -21.80 28.29
N LYS A 121 15.01 -22.43 29.31
CA LYS A 121 14.45 -23.81 29.19
C LYS A 121 12.99 -23.79 29.60
N ASP A 122 12.12 -24.46 28.84
CA ASP A 122 10.72 -24.72 29.25
C ASP A 122 10.76 -25.25 30.67
N TYR A 123 10.02 -24.59 31.55
CA TYR A 123 9.86 -24.99 32.97
C TYR A 123 8.43 -25.50 33.10
N ILE A 124 7.43 -24.65 32.86
CA ILE A 124 6.00 -25.05 32.96
C ILE A 124 5.18 -24.26 31.94
N ALA A 125 4.36 -24.98 31.16
CA ALA A 125 3.41 -24.45 30.18
C ALA A 125 1.97 -24.87 30.57
N LEU A 126 1.02 -23.95 30.45
CA LEU A 126 -0.42 -24.26 30.59
C LEU A 126 -0.89 -24.95 29.29
N LYS A 127 -1.60 -26.06 29.38
CA LYS A 127 -1.97 -26.92 28.23
C LYS A 127 -3.15 -26.26 27.49
N GLU A 128 -3.36 -26.60 26.22
CA GLU A 128 -4.18 -25.78 25.30
C GLU A 128 -5.66 -25.86 25.72
N ASP A 129 -6.03 -26.88 26.53
CA ASP A 129 -7.37 -27.09 27.11
C ASP A 129 -7.52 -26.18 28.34
N LEU A 130 -6.48 -25.43 28.68
CA LEU A 130 -6.56 -24.32 29.66
C LEU A 130 -7.01 -24.83 31.04
N ARG A 131 -6.85 -26.13 31.33
CA ARG A 131 -7.25 -26.79 32.62
C ARG A 131 -6.02 -27.28 33.39
N SER A 132 -4.90 -27.53 32.70
CA SER A 132 -3.79 -28.38 33.21
C SER A 132 -2.46 -27.82 32.74
N TRP A 133 -1.39 -28.21 33.41
CA TRP A 133 -0.03 -27.72 33.18
C TRP A 133 0.81 -28.87 32.64
N THR A 134 1.83 -28.54 31.86
CA THR A 134 2.93 -29.47 31.46
C THR A 134 4.15 -29.04 32.25
N ALA A 135 4.75 -29.94 33.02
CA ALA A 135 5.92 -29.69 33.86
C ALA A 135 7.14 -30.33 33.19
N ALA A 136 8.19 -29.53 32.96
CA ALA A 136 9.34 -29.92 32.10
C ALA A 136 10.23 -30.91 32.86
N ASP A 137 10.31 -30.79 34.19
CA ASP A 137 11.06 -31.72 35.07
C ASP A 137 10.39 -31.77 36.46
N MET A 138 11.07 -32.29 37.47
CA MET A 138 10.48 -32.53 38.79
C MET A 138 10.69 -31.33 39.71
N ALA A 139 11.55 -30.35 39.39
CA ALA A 139 11.45 -29.02 40.05
C ALA A 139 10.05 -28.47 39.77
N ALA A 140 9.65 -28.63 38.52
CA ALA A 140 8.48 -27.99 37.90
C ALA A 140 7.21 -28.73 38.34
N GLN A 141 7.30 -29.97 38.78
CA GLN A 141 6.10 -30.68 39.32
C GLN A 141 5.71 -30.03 40.66
N THR A 142 6.72 -29.78 41.50
CA THR A 142 6.53 -29.06 42.78
C THR A 142 5.64 -27.84 42.52
N THR A 143 6.02 -27.02 41.55
CA THR A 143 5.30 -25.78 41.18
C THR A 143 3.88 -26.15 40.74
N LYS A 144 3.77 -27.15 39.88
CA LYS A 144 2.48 -27.56 39.24
C LYS A 144 1.47 -27.90 40.33
N HIS A 145 1.91 -28.73 41.28
CA HIS A 145 1.19 -29.12 42.52
C HIS A 145 0.77 -27.86 43.29
N LYS A 146 1.70 -26.94 43.47
CA LYS A 146 1.49 -25.68 44.20
C LYS A 146 0.37 -24.88 43.51
N TRP A 147 0.38 -24.84 42.16
CA TRP A 147 -0.58 -24.09 41.30
C TRP A 147 -1.89 -24.88 41.11
N GLU A 148 -1.84 -26.18 41.29
CA GLU A 148 -3.06 -27.04 41.31
C GLU A 148 -3.86 -26.76 42.59
N ALA A 149 -3.17 -26.63 43.73
CA ALA A 149 -3.79 -26.30 45.04
C ALA A 149 -4.39 -24.91 44.95
N ALA A 150 -3.56 -23.94 44.55
CA ALA A 150 -3.90 -22.51 44.50
C ALA A 150 -4.79 -22.21 43.27
N HIS A 151 -5.33 -23.25 42.62
CA HIS A 151 -6.39 -23.13 41.55
C HIS A 151 -6.04 -21.94 40.66
N VAL A 152 -4.83 -21.98 40.10
CA VAL A 152 -4.24 -20.88 39.30
C VAL A 152 -4.88 -20.84 37.92
N ALA A 153 -5.01 -21.99 37.26
CA ALA A 153 -5.39 -22.08 35.84
C ALA A 153 -6.78 -21.50 35.69
N GLU A 154 -7.67 -21.79 36.64
CA GLU A 154 -9.09 -21.30 36.68
C GLU A 154 -9.07 -19.78 36.51
N GLN A 155 -8.20 -19.10 37.25
CA GLN A 155 -8.12 -17.61 37.32
C GLN A 155 -7.38 -17.07 36.11
N LEU A 156 -6.54 -17.87 35.44
CA LEU A 156 -5.93 -17.52 34.12
C LEU A 156 -6.96 -17.67 32.98
N ARG A 157 -7.84 -18.71 33.07
CA ARG A 157 -8.91 -19.00 32.08
C ARG A 157 -9.82 -17.76 32.04
N ALA A 158 -10.22 -17.24 33.21
CA ALA A 158 -11.00 -15.98 33.33
C ALA A 158 -10.37 -14.88 32.46
N TYR A 159 -9.07 -14.62 32.58
CA TYR A 159 -8.41 -13.45 31.93
C TYR A 159 -8.20 -13.71 30.43
N LEU A 160 -7.71 -14.89 30.06
CA LEU A 160 -7.34 -15.24 28.65
C LEU A 160 -8.59 -15.30 27.76
N GLU A 161 -9.71 -15.81 28.27
CA GLU A 161 -10.95 -16.02 27.47
C GLU A 161 -11.84 -14.77 27.56
N GLY A 162 -11.47 -13.81 28.40
CA GLY A 162 -12.33 -12.66 28.76
C GLY A 162 -11.64 -11.36 28.48
N THR A 163 -10.79 -10.88 29.43
CA THR A 163 -10.19 -9.52 29.41
C THR A 163 -9.22 -9.39 28.25
N CYS A 164 -8.41 -10.43 28.06
CA CYS A 164 -7.34 -10.50 27.03
C CYS A 164 -7.94 -10.24 25.64
N VAL A 165 -8.91 -11.08 25.22
CA VAL A 165 -9.67 -10.90 23.95
C VAL A 165 -10.35 -9.52 23.94
N GLU A 166 -11.04 -9.14 25.02
CA GLU A 166 -12.01 -8.00 24.98
C GLU A 166 -11.20 -6.70 24.77
N TRP A 167 -9.95 -6.64 25.28
CA TRP A 167 -9.01 -5.49 25.03
C TRP A 167 -8.19 -5.70 23.76
N LEU A 168 -7.97 -6.93 23.30
CA LEU A 168 -7.42 -7.19 21.94
C LEU A 168 -8.35 -6.55 20.93
N ARG A 169 -9.66 -6.87 21.02
CA ARG A 169 -10.72 -6.28 20.18
C ARG A 169 -10.58 -4.76 20.26
N ARG A 170 -10.45 -4.22 21.46
CA ARG A 170 -10.39 -2.75 21.71
C ARG A 170 -9.19 -2.14 20.98
N TYR A 171 -8.03 -2.76 21.05
CA TYR A 171 -6.76 -2.22 20.50
C TYR A 171 -6.81 -2.26 18.97
N LEU A 172 -7.54 -3.23 18.44
CA LEU A 172 -7.72 -3.39 16.97
C LEU A 172 -8.60 -2.23 16.48
N GLU A 173 -9.72 -1.95 17.19
CA GLU A 173 -10.65 -0.85 16.82
C GLU A 173 -9.84 0.45 16.85
N ASN A 174 -9.23 0.79 17.99
CA ASN A 174 -8.65 2.13 18.23
C ASN A 174 -7.42 2.33 17.31
N GLY A 175 -6.83 1.25 16.78
CA GLY A 175 -5.69 1.33 15.83
C GLY A 175 -6.04 0.79 14.44
N LYS A 176 -7.18 1.17 13.85
CA LYS A 176 -7.67 0.54 12.59
C LYS A 176 -6.65 0.75 11.46
N GLU A 177 -6.31 2.01 11.18
CA GLU A 177 -5.15 2.45 10.33
C GLU A 177 -4.02 1.40 10.29
N THR A 178 -3.43 1.07 11.45
CA THR A 178 -2.10 0.45 11.61
C THR A 178 -2.19 -1.08 11.70
N LEU A 179 -3.05 -1.55 12.62
CA LEU A 179 -3.16 -2.95 13.08
C LEU A 179 -3.92 -3.83 12.09
N GLN A 180 -4.71 -3.26 11.19
CA GLN A 180 -5.58 -4.07 10.27
C GLN A 180 -5.06 -3.92 8.84
N ARG A 181 -4.01 -3.11 8.63
CA ARG A 181 -3.32 -2.89 7.32
C ARG A 181 -2.39 -4.08 7.05
N THR A 182 -2.12 -4.37 5.78
CA THR A 182 -1.08 -5.34 5.35
C THR A 182 -0.18 -4.67 4.32
N ASP A 183 1.12 -4.62 4.60
CA ASP A 183 2.12 -3.97 3.70
C ASP A 183 2.81 -5.08 2.92
N ALA A 184 2.50 -5.16 1.63
CA ALA A 184 3.16 -6.04 0.65
C ALA A 184 4.67 -5.75 0.65
N PRO A 185 5.52 -6.77 0.41
CA PRO A 185 6.94 -6.55 0.32
C PRO A 185 7.23 -5.89 -1.03
N LYS A 186 8.01 -4.81 -1.00
CA LYS A 186 8.65 -4.24 -2.20
C LYS A 186 9.87 -5.10 -2.52
N THR A 187 9.88 -5.67 -3.72
CA THR A 187 10.87 -6.66 -4.18
C THR A 187 11.74 -6.02 -5.27
N HIS A 188 13.03 -6.24 -5.19
CA HIS A 188 14.02 -6.01 -6.28
C HIS A 188 15.06 -7.12 -6.16
N MET A 189 15.98 -7.22 -7.09
CA MET A 189 17.13 -8.16 -6.98
C MET A 189 18.46 -7.44 -7.28
N THR A 190 19.54 -7.85 -6.61
CA THR A 190 20.91 -7.33 -6.83
C THR A 190 21.87 -8.45 -7.23
N HIS A 191 22.94 -8.08 -7.91
CA HIS A 191 24.04 -8.94 -8.38
C HIS A 191 25.35 -8.44 -7.80
N HIS A 192 26.24 -9.36 -7.44
CA HIS A 192 27.64 -9.09 -7.03
C HIS A 192 28.48 -10.24 -7.50
N ALA A 193 29.30 -10.05 -8.52
CA ALA A 193 30.35 -11.01 -8.90
C ALA A 193 31.09 -11.37 -7.61
N VAL A 194 31.27 -12.66 -7.40
CA VAL A 194 32.04 -13.27 -6.29
C VAL A 194 32.75 -14.45 -6.94
N SER A 195 34.08 -14.42 -7.02
CA SER A 195 34.93 -15.32 -7.85
C SER A 195 34.93 -14.81 -9.30
N ASP A 196 35.90 -15.24 -10.08
CA ASP A 196 36.00 -14.88 -11.52
C ASP A 196 34.76 -15.45 -12.22
N HIS A 197 34.46 -16.72 -11.93
CA HIS A 197 33.35 -17.51 -12.52
C HIS A 197 32.16 -17.67 -11.54
N GLU A 198 31.77 -16.63 -10.81
CA GLU A 198 30.60 -16.72 -9.90
C GLU A 198 30.06 -15.32 -9.57
N ALA A 199 28.74 -15.19 -9.56
CA ALA A 199 28.00 -14.04 -8.99
C ALA A 199 27.10 -14.53 -7.87
N THR A 200 26.68 -13.59 -7.03
CA THR A 200 25.63 -13.76 -5.98
C THR A 200 24.37 -13.01 -6.43
N LEU A 201 23.23 -13.66 -6.35
CA LEU A 201 21.92 -13.00 -6.55
C LEU A 201 21.21 -12.89 -5.20
N ARG A 202 21.01 -11.67 -4.77
CA ARG A 202 20.36 -11.38 -3.49
C ARG A 202 18.96 -10.89 -3.79
N CYS A 203 17.92 -11.65 -3.41
CA CYS A 203 16.52 -11.25 -3.65
C CYS A 203 15.97 -10.68 -2.33
N TRP A 204 15.32 -9.51 -2.44
CA TRP A 204 15.01 -8.54 -1.37
C TRP A 204 13.50 -8.42 -1.19
N ALA A 205 13.04 -8.37 0.06
CA ALA A 205 11.68 -7.99 0.46
C ALA A 205 11.79 -6.90 1.53
N LEU A 206 11.21 -5.75 1.28
CA LEU A 206 11.36 -4.53 2.10
C LEU A 206 9.99 -3.97 2.46
N SER A 207 9.89 -3.44 3.67
CA SER A 207 8.74 -2.61 4.13
C SER A 207 7.48 -3.47 4.22
N PHE A 208 7.60 -4.69 4.71
CA PHE A 208 6.40 -5.55 4.85
C PHE A 208 6.00 -5.67 6.32
N TYR A 209 4.68 -5.79 6.49
CA TYR A 209 3.94 -6.08 7.73
C TYR A 209 2.72 -6.89 7.34
N PRO A 210 2.37 -7.98 8.06
CA PRO A 210 3.13 -8.49 9.20
C PRO A 210 4.48 -9.18 8.85
N ALA A 211 5.07 -9.93 9.79
CA ALA A 211 6.48 -10.38 9.78
C ALA A 211 6.64 -11.76 9.12
N GLU A 212 5.54 -12.51 8.93
CA GLU A 212 5.52 -13.86 8.30
C GLU A 212 5.78 -13.69 6.79
N ILE A 213 6.87 -14.25 6.27
CA ILE A 213 7.18 -14.22 4.81
C ILE A 213 7.87 -15.53 4.43
N THR A 214 7.82 -15.88 3.14
CA THR A 214 8.64 -16.97 2.57
C THR A 214 9.24 -16.50 1.24
N LEU A 215 10.57 -16.70 1.13
CA LEU A 215 11.43 -16.47 -0.06
C LEU A 215 12.11 -17.79 -0.41
N THR A 216 11.92 -18.30 -1.63
CA THR A 216 12.61 -19.52 -2.10
C THR A 216 13.30 -19.23 -3.43
N TRP A 217 14.41 -19.94 -3.68
CA TRP A 217 15.11 -19.88 -4.97
C TRP A 217 14.75 -21.12 -5.76
N GLN A 218 14.59 -20.98 -7.08
CA GLN A 218 14.49 -22.10 -8.03
C GLN A 218 15.62 -21.95 -9.05
N ARG A 219 16.21 -23.07 -9.47
CA ARG A 219 17.08 -23.14 -10.67
C ARG A 219 16.32 -23.94 -11.71
N ASP A 220 15.93 -23.30 -12.82
CA ASP A 220 15.17 -23.99 -13.88
C ASP A 220 13.86 -24.51 -13.27
N GLY A 221 13.26 -23.79 -12.33
CA GLY A 221 11.99 -24.16 -11.69
C GLY A 221 12.12 -25.30 -10.68
N GLU A 222 13.33 -25.75 -10.32
CA GLU A 222 13.52 -26.77 -9.22
C GLU A 222 14.13 -26.06 -8.01
N ASP A 223 13.45 -26.16 -6.86
CA ASP A 223 13.73 -25.41 -5.62
C ASP A 223 15.12 -25.73 -5.13
N GLN A 224 15.82 -24.73 -4.57
CA GLN A 224 17.20 -24.86 -4.04
C GLN A 224 17.23 -24.36 -2.59
N THR A 225 16.88 -25.22 -1.64
CA THR A 225 17.22 -25.05 -0.21
C THR A 225 18.73 -25.33 -0.06
N GLN A 226 19.35 -25.74 -1.15
CA GLN A 226 20.79 -26.06 -1.25
C GLN A 226 21.51 -24.72 -1.50
N ASP A 227 22.83 -24.68 -1.48
CA ASP A 227 23.64 -23.56 -2.05
C ASP A 227 23.16 -22.14 -1.68
N THR A 228 22.29 -21.95 -0.68
CA THR A 228 21.69 -20.61 -0.43
C THR A 228 22.01 -20.12 0.98
N GLU A 229 21.78 -18.83 1.16
CA GLU A 229 22.02 -18.04 2.38
C GLU A 229 20.74 -17.22 2.64
N LEU A 230 20.13 -17.41 3.79
CA LEU A 230 18.84 -16.79 4.16
C LEU A 230 19.03 -16.07 5.50
N VAL A 231 18.88 -14.74 5.52
CA VAL A 231 18.98 -13.97 6.80
C VAL A 231 17.59 -13.97 7.44
N GLU A 232 17.57 -14.22 8.74
CA GLU A 232 16.37 -14.19 9.59
C GLU A 232 15.80 -12.77 9.49
N THR A 233 14.46 -12.67 9.40
CA THR A 233 13.65 -11.44 9.18
C THR A 233 14.02 -10.43 10.26
N ARG A 234 13.88 -9.15 9.99
CA ARG A 234 14.46 -8.10 10.87
C ARG A 234 13.68 -6.81 10.76
N PRO A 235 13.49 -6.07 11.86
CA PRO A 235 12.66 -4.86 11.84
C PRO A 235 13.42 -3.68 11.25
N ALA A 236 12.79 -2.98 10.29
CA ALA A 236 13.25 -1.70 9.67
C ALA A 236 13.43 -0.61 10.75
N GLY A 237 12.78 -0.76 11.90
CA GLY A 237 12.62 0.33 12.89
C GLY A 237 11.26 0.98 12.75
N ASP A 238 10.76 1.11 11.51
CA ASP A 238 9.59 1.97 11.18
C ASP A 238 8.28 1.16 11.33
N GLY A 239 8.32 -0.01 11.97
CA GLY A 239 7.13 -0.86 12.17
C GLY A 239 6.93 -1.83 11.02
N THR A 240 7.86 -1.84 10.07
CA THR A 240 7.91 -2.79 8.94
C THR A 240 9.15 -3.70 9.05
N PHE A 241 9.22 -4.74 8.25
CA PHE A 241 10.32 -5.71 8.23
C PHE A 241 10.93 -5.79 6.82
N GLN A 242 12.08 -6.47 6.81
CA GLN A 242 12.96 -6.68 5.67
C GLN A 242 13.37 -8.15 5.69
N LYS A 243 13.51 -8.76 4.52
CA LYS A 243 14.25 -10.03 4.38
C LYS A 243 14.99 -10.07 3.03
N TRP A 244 16.12 -10.77 3.02
CA TRP A 244 16.77 -11.23 1.77
C TRP A 244 17.23 -12.68 1.89
N ALA A 245 17.46 -13.25 0.73
CA ALA A 245 17.83 -14.64 0.46
C ALA A 245 18.77 -14.59 -0.71
N ALA A 246 19.96 -15.14 -0.59
CA ALA A 246 20.95 -15.14 -1.69
C ALA A 246 21.30 -16.57 -2.08
N VAL A 247 21.46 -16.75 -3.38
CA VAL A 247 22.15 -17.92 -4.01
C VAL A 247 23.39 -17.40 -4.72
N VAL A 248 24.41 -18.24 -4.81
CA VAL A 248 25.63 -17.99 -5.61
C VAL A 248 25.59 -18.92 -6.84
N VAL A 249 25.66 -18.30 -8.03
CA VAL A 249 25.42 -18.91 -9.37
C VAL A 249 26.75 -18.99 -10.14
N PRO A 250 26.89 -19.93 -11.09
CA PRO A 250 27.93 -19.90 -12.11
C PRO A 250 27.76 -18.78 -13.14
N SER A 251 28.66 -17.80 -13.26
CA SER A 251 28.34 -16.59 -14.07
C SER A 251 27.97 -17.03 -15.49
N GLY A 252 27.09 -16.26 -16.14
CA GLY A 252 26.44 -16.58 -17.43
C GLY A 252 25.15 -17.37 -17.24
N GLN A 253 24.83 -17.74 -16.00
CA GLN A 253 23.71 -18.67 -15.69
C GLN A 253 22.70 -18.00 -14.74
N GLU A 254 22.75 -16.68 -14.58
CA GLU A 254 21.83 -15.93 -13.66
C GLU A 254 20.37 -16.11 -14.08
N GLN A 255 20.06 -15.81 -15.33
CA GLN A 255 18.72 -15.88 -15.94
C GLN A 255 17.97 -17.15 -15.51
N ARG A 256 18.67 -18.25 -15.20
CA ARG A 256 18.10 -19.59 -14.85
C ARG A 256 17.47 -19.58 -13.46
N TYR A 257 17.84 -18.61 -12.62
CA TYR A 257 17.49 -18.55 -11.17
C TYR A 257 16.28 -17.61 -10.96
N THR A 258 15.27 -18.09 -10.26
CA THR A 258 14.04 -17.31 -9.90
C THR A 258 13.89 -17.40 -8.38
N CYS A 259 13.68 -16.27 -7.74
CA CYS A 259 13.34 -16.18 -6.31
C CYS A 259 11.83 -15.93 -6.20
N HIS A 260 11.16 -16.68 -5.33
CA HIS A 260 9.67 -16.70 -5.18
C HIS A 260 9.29 -16.18 -3.80
N VAL A 261 8.26 -15.35 -3.73
CA VAL A 261 7.94 -14.55 -2.50
C VAL A 261 6.43 -14.70 -2.22
N GLN A 262 6.14 -15.23 -1.03
CA GLN A 262 4.82 -15.35 -0.41
C GLN A 262 4.72 -14.35 0.75
N HIS A 263 3.53 -13.82 0.98
CA HIS A 263 3.10 -12.93 2.09
C HIS A 263 1.57 -12.83 1.95
N GLU A 264 0.80 -12.61 3.04
CA GLU A 264 -0.69 -12.53 2.92
C GLU A 264 -1.04 -11.28 2.09
N GLY A 265 -0.13 -10.30 2.08
CA GLY A 265 -0.25 -9.07 1.25
C GLY A 265 -0.16 -9.36 -0.25
N LEU A 266 0.12 -10.59 -0.65
CA LEU A 266 0.21 -11.01 -2.08
C LEU A 266 -0.89 -12.04 -2.37
N PRO A 267 -1.78 -11.76 -3.34
CA PRO A 267 -2.78 -12.73 -3.78
C PRO A 267 -2.10 -13.96 -4.40
N LYS A 268 -1.34 -13.69 -5.48
CA LYS A 268 -0.51 -14.68 -6.22
C LYS A 268 0.93 -14.37 -5.87
N PRO A 269 1.71 -15.41 -5.48
CA PRO A 269 3.11 -15.23 -5.16
C PRO A 269 3.83 -14.55 -6.34
N LEU A 270 4.82 -13.75 -6.02
CA LEU A 270 5.67 -13.02 -7.00
C LEU A 270 6.90 -13.87 -7.32
N THR A 271 7.14 -14.09 -8.61
CA THR A 271 8.43 -14.59 -9.16
C THR A 271 9.20 -13.39 -9.68
N LEU A 272 10.45 -13.25 -9.23
CA LEU A 272 11.40 -12.18 -9.63
C LEU A 272 12.65 -12.83 -10.27
N ARG A 273 13.11 -12.28 -11.42
CA ARG A 273 14.32 -12.76 -12.16
C ARG A 273 15.31 -11.61 -12.38
N TRP A 274 16.60 -11.93 -12.45
CA TRP A 274 17.65 -10.91 -12.68
C TRP A 274 17.44 -10.31 -14.06
N GLU A 275 17.33 -8.98 -14.08
CA GLU A 275 16.86 -8.13 -15.20
C GLU A 275 17.44 -6.74 -15.04
N PRO A 276 18.71 -6.50 -15.41
CA PRO A 276 19.20 -5.13 -15.56
C PRO A 276 18.08 -4.10 -15.90
N MET B 1 21.47 -24.65 32.68
CA MET B 1 21.06 -23.39 31.98
C MET B 1 21.70 -23.36 30.57
N ILE B 2 21.15 -22.56 29.66
CA ILE B 2 21.44 -22.58 28.19
C ILE B 2 22.63 -21.65 27.84
N GLN B 3 22.92 -21.51 26.55
CA GLN B 3 23.77 -20.46 25.93
C GLN B 3 23.59 -20.54 24.41
N ARG B 4 23.00 -19.53 23.79
CA ARG B 4 22.99 -19.35 22.32
C ARG B 4 23.85 -18.15 22.01
N THR B 5 24.64 -18.20 20.93
CA THR B 5 25.41 -17.04 20.42
C THR B 5 24.43 -16.17 19.72
N PRO B 6 24.55 -14.82 19.75
CA PRO B 6 23.66 -13.96 19.01
C PRO B 6 24.10 -13.88 17.56
N LYS B 7 23.11 -13.95 16.67
CA LYS B 7 23.25 -13.70 15.22
C LYS B 7 22.97 -12.22 15.01
N ILE B 8 23.97 -11.50 14.50
CA ILE B 8 23.99 -10.02 14.34
C ILE B 8 23.69 -9.71 12.88
N GLN B 9 23.16 -8.53 12.62
CA GLN B 9 22.96 -7.94 11.28
C GLN B 9 23.06 -6.42 11.41
N VAL B 10 23.81 -5.77 10.51
CA VAL B 10 23.95 -4.29 10.42
C VAL B 10 23.46 -3.89 9.04
N TYR B 11 22.52 -2.95 8.99
CA TYR B 11 21.72 -2.64 7.77
C TYR B 11 21.00 -1.30 7.97
N SER B 12 20.79 -0.54 6.90
CA SER B 12 20.17 0.79 6.92
C SER B 12 18.66 0.60 6.96
N ARG B 13 17.90 1.49 7.60
CA ARG B 13 16.43 1.39 7.58
C ARG B 13 15.96 1.37 6.13
N HIS B 14 16.37 2.37 5.34
CA HIS B 14 16.03 2.58 3.90
C HIS B 14 17.25 2.35 3.02
N PRO B 15 17.03 2.09 1.70
CA PRO B 15 18.14 1.93 0.78
C PRO B 15 19.07 3.14 0.86
N ALA B 16 20.37 2.90 1.06
CA ALA B 16 21.41 3.91 1.35
C ALA B 16 21.59 4.76 0.12
N GLU B 17 21.48 6.08 0.26
CA GLU B 17 21.96 7.08 -0.75
C GLU B 17 22.98 8.00 -0.05
N ASN B 18 24.23 8.07 -0.55
CA ASN B 18 25.28 8.99 0.00
C ASN B 18 24.71 10.41 0.04
N GLY B 19 24.77 11.05 1.20
CA GLY B 19 24.32 12.44 1.39
C GLY B 19 22.92 12.56 1.95
N LYS B 20 22.16 11.46 2.00
CA LYS B 20 20.74 11.37 2.40
C LYS B 20 20.61 10.76 3.81
N SER B 21 20.03 11.50 4.75
CA SER B 21 19.86 11.06 6.17
C SER B 21 19.09 9.74 6.21
N ASN B 22 19.49 8.82 7.08
CA ASN B 22 19.02 7.42 7.12
C ASN B 22 19.21 6.88 8.55
N PHE B 23 18.93 5.61 8.78
CA PHE B 23 19.08 4.93 10.09
C PHE B 23 19.99 3.72 9.90
N LEU B 24 20.98 3.58 10.76
CA LEU B 24 21.83 2.37 10.83
C LEU B 24 21.24 1.47 11.92
N ASN B 25 21.08 0.19 11.60
CA ASN B 25 20.47 -0.77 12.53
C ASN B 25 21.51 -1.84 12.85
N CYS B 26 21.66 -2.14 14.14
CA CYS B 26 22.30 -3.36 14.64
C CYS B 26 21.23 -4.19 15.34
N TYR B 27 20.87 -5.30 14.69
CA TYR B 27 19.94 -6.34 15.17
C TYR B 27 20.74 -7.52 15.64
N VAL B 28 20.73 -7.76 16.97
CA VAL B 28 21.27 -9.00 17.60
C VAL B 28 20.09 -9.86 18.03
N SER B 29 20.06 -11.13 17.63
CA SER B 29 18.93 -12.04 17.91
C SER B 29 19.42 -13.46 18.24
N GLY B 30 18.51 -14.30 18.72
CA GLY B 30 18.71 -15.75 18.88
C GLY B 30 19.66 -16.05 20.01
N PHE B 31 19.75 -15.18 21.02
CA PHE B 31 20.86 -15.23 22.01
C PHE B 31 20.29 -15.41 23.40
N HIS B 32 21.16 -15.87 24.32
CA HIS B 32 20.85 -16.28 25.72
C HIS B 32 22.13 -16.55 26.48
N PRO B 33 22.33 -16.03 27.70
CA PRO B 33 21.40 -15.10 28.34
C PRO B 33 21.52 -13.63 27.83
N SER B 34 20.75 -12.73 28.48
CA SER B 34 20.29 -11.42 27.98
C SER B 34 21.42 -10.38 28.04
N ASP B 35 22.23 -10.38 29.09
CA ASP B 35 23.35 -9.43 29.24
C ASP B 35 24.19 -9.49 27.98
N ILE B 36 24.29 -8.36 27.27
CA ILE B 36 25.03 -8.24 25.99
C ILE B 36 25.50 -6.80 25.83
N GLU B 37 26.76 -6.58 25.43
CA GLU B 37 27.28 -5.24 25.06
C GLU B 37 27.09 -5.09 23.56
N VAL B 38 26.62 -3.94 23.11
CA VAL B 38 26.37 -3.65 21.67
C VAL B 38 26.65 -2.17 21.46
N ASP B 39 27.56 -1.84 20.54
CA ASP B 39 27.72 -0.43 20.08
C ASP B 39 27.77 -0.38 18.56
N LEU B 40 27.56 0.83 18.06
CA LEU B 40 27.60 1.22 16.65
C LEU B 40 28.81 2.14 16.45
N LEU B 41 29.77 1.70 15.65
CA LEU B 41 31.06 2.38 15.41
C LEU B 41 30.95 3.22 14.14
N LYS B 42 31.45 4.45 14.19
CA LYS B 42 31.82 5.21 12.98
C LYS B 42 33.35 5.18 12.85
N ASN B 43 33.87 4.70 11.70
CA ASN B 43 35.32 4.53 11.45
C ASN B 43 36.01 4.16 12.76
N GLY B 44 35.51 3.15 13.46
CA GLY B 44 36.09 2.61 14.70
C GLY B 44 35.53 3.28 15.94
N GLU B 45 35.21 4.58 15.89
CA GLU B 45 34.88 5.41 17.09
C GLU B 45 33.40 5.25 17.45
N ARG B 46 33.10 5.16 18.77
CA ARG B 46 31.74 4.79 19.29
C ARG B 46 30.73 5.89 18.97
N ILE B 47 29.56 5.52 18.43
CA ILE B 47 28.38 6.44 18.27
C ILE B 47 27.61 6.44 19.59
N GLU B 48 27.46 7.57 20.24
CA GLU B 48 26.86 7.60 21.62
C GLU B 48 25.35 7.80 21.52
N LYS B 49 24.84 8.56 20.52
CA LYS B 49 23.37 8.83 20.39
C LYS B 49 22.68 7.63 19.75
N VAL B 50 22.58 6.55 20.53
CA VAL B 50 22.08 5.22 20.11
C VAL B 50 20.79 4.96 20.89
N GLU B 51 19.83 4.25 20.26
CA GLU B 51 18.63 3.84 20.98
C GLU B 51 18.32 2.38 20.69
N HIS B 52 17.72 1.72 21.67
CA HIS B 52 17.47 0.27 21.64
C HIS B 52 15.98 0.05 21.91
N SER B 53 15.39 -0.92 21.24
CA SER B 53 14.04 -1.45 21.56
C SER B 53 14.15 -2.30 22.81
N ASP B 54 13.00 -2.60 23.39
CA ASP B 54 12.90 -3.36 24.65
C ASP B 54 13.23 -4.80 24.36
N LEU B 55 14.00 -5.40 25.26
CA LEU B 55 14.26 -6.85 25.27
C LEU B 55 12.93 -7.57 25.06
N SER B 56 12.92 -8.50 24.11
CA SER B 56 11.94 -9.62 24.08
C SER B 56 12.67 -10.87 23.59
N PHE B 57 11.93 -11.91 23.28
CA PHE B 57 12.47 -13.22 22.92
C PHE B 57 11.53 -13.87 21.92
N SER B 58 11.90 -15.01 21.36
CA SER B 58 11.16 -15.66 20.24
C SER B 58 10.61 -17.01 20.70
N LYS B 59 10.03 -17.80 19.78
CA LYS B 59 9.31 -19.07 20.08
C LYS B 59 10.21 -20.02 20.91
N ASP B 60 11.53 -19.97 20.74
CA ASP B 60 12.52 -20.85 21.41
C ASP B 60 13.13 -20.19 22.67
N TRP B 61 12.67 -19.00 23.07
CA TRP B 61 13.09 -18.31 24.34
C TRP B 61 14.41 -17.58 24.13
N SER B 62 14.96 -17.54 22.92
CA SER B 62 16.16 -16.75 22.59
C SER B 62 15.80 -15.27 22.43
N PHE B 63 16.59 -14.38 23.01
CA PHE B 63 16.32 -12.93 23.10
C PHE B 63 16.64 -12.26 21.76
N TYR B 64 16.06 -11.07 21.55
CA TYR B 64 16.32 -10.20 20.38
C TYR B 64 16.19 -8.75 20.79
N LEU B 65 16.95 -7.89 20.11
CA LEU B 65 17.20 -6.48 20.51
C LEU B 65 17.62 -5.72 19.23
N LEU B 66 17.09 -4.51 19.03
CA LEU B 66 17.51 -3.63 17.89
C LEU B 66 18.21 -2.41 18.47
N TYR B 67 19.49 -2.18 18.13
CA TYR B 67 20.20 -0.89 18.37
C TYR B 67 20.17 -0.07 17.07
N TYR B 68 19.81 1.22 17.19
CA TYR B 68 19.73 2.13 16.04
C TYR B 68 20.06 3.55 16.42
N THR B 69 20.54 4.26 15.42
CA THR B 69 21.16 5.59 15.52
C THR B 69 21.12 6.16 14.10
N GLU B 70 20.29 7.17 13.93
CA GLU B 70 20.21 8.04 12.74
C GLU B 70 21.64 8.32 12.30
N PHE B 71 21.87 8.43 11.00
CA PHE B 71 23.18 8.70 10.38
C PHE B 71 22.97 9.08 8.93
N THR B 72 23.96 9.66 8.25
CA THR B 72 23.86 9.86 6.78
C THR B 72 25.02 9.13 6.11
N PRO B 73 24.73 8.03 5.40
CA PRO B 73 25.75 7.31 4.64
C PRO B 73 26.55 8.19 3.68
N THR B 74 27.79 7.77 3.41
CA THR B 74 28.71 8.38 2.42
C THR B 74 29.53 7.25 1.77
N GLU B 75 30.45 7.59 0.88
CA GLU B 75 31.18 6.58 0.05
C GLU B 75 32.31 5.97 0.89
N LYS B 76 32.80 6.71 1.90
CA LYS B 76 34.10 6.45 2.60
C LYS B 76 33.85 6.16 4.09
N ASP B 77 32.91 6.84 4.72
CA ASP B 77 32.52 6.51 6.12
C ASP B 77 32.25 5.00 6.19
N GLU B 78 32.86 4.35 7.17
CA GLU B 78 32.76 2.90 7.44
C GLU B 78 32.06 2.74 8.79
N TYR B 79 30.83 2.21 8.75
CA TYR B 79 29.97 1.99 9.93
C TYR B 79 30.11 0.52 10.29
N ALA B 80 30.13 0.18 11.56
CA ALA B 80 30.19 -1.21 12.04
C ALA B 80 29.38 -1.34 13.32
N CYS B 81 29.43 -2.52 13.93
CA CYS B 81 28.66 -2.88 15.13
C CYS B 81 29.51 -3.85 15.92
N ARG B 82 29.86 -3.49 17.16
CA ARG B 82 30.63 -4.38 18.08
C ARG B 82 29.66 -4.98 19.10
N VAL B 83 29.56 -6.30 19.13
CA VAL B 83 28.74 -7.04 20.11
C VAL B 83 29.66 -7.91 20.95
N ASN B 84 29.49 -7.89 22.28
CA ASN B 84 30.17 -8.87 23.18
C ASN B 84 29.09 -9.68 23.91
N HIS B 85 29.35 -10.95 24.16
CA HIS B 85 28.44 -11.87 24.89
C HIS B 85 29.30 -12.90 25.63
N VAL B 86 28.74 -13.55 26.63
CA VAL B 86 29.46 -14.56 27.44
C VAL B 86 29.76 -15.80 26.58
N THR B 87 29.15 -15.94 25.38
CA THR B 87 29.41 -17.02 24.39
C THR B 87 30.50 -16.63 23.38
N LEU B 88 31.37 -15.65 23.69
CA LEU B 88 32.31 -15.04 22.69
C LEU B 88 33.67 -14.82 23.32
N SER B 89 34.66 -15.65 22.96
CA SER B 89 36.12 -15.44 23.17
C SER B 89 36.41 -13.96 23.15
N GLN B 90 36.06 -13.33 22.04
CA GLN B 90 36.31 -11.90 21.77
C GLN B 90 35.05 -11.26 21.19
N PRO B 91 34.83 -9.95 21.47
CA PRO B 91 33.76 -9.20 20.82
C PRO B 91 33.79 -9.45 19.31
N LYS B 92 32.63 -9.54 18.68
CA LYS B 92 32.47 -9.58 17.21
C LYS B 92 32.36 -8.13 16.72
N ILE B 93 33.09 -7.75 15.67
CA ILE B 93 32.81 -6.48 14.94
C ILE B 93 32.33 -6.86 13.55
N VAL B 94 31.14 -6.40 13.17
CA VAL B 94 30.45 -6.71 11.88
C VAL B 94 30.31 -5.39 11.12
N LYS B 95 31.05 -5.20 10.03
CA LYS B 95 30.97 -3.99 9.17
C LYS B 95 29.61 -4.01 8.48
N TRP B 96 29.03 -2.83 8.27
CA TRP B 96 27.81 -2.65 7.43
C TRP B 96 28.20 -2.70 5.97
N ASP B 97 27.46 -3.46 5.17
CA ASP B 97 27.50 -3.46 3.68
C ASP B 97 26.07 -3.11 3.24
N ARG B 98 25.89 -2.10 2.40
CA ARG B 98 24.56 -1.45 2.17
C ARG B 98 23.64 -2.40 1.39
N ASP B 99 24.19 -3.51 0.87
CA ASP B 99 23.48 -4.58 0.16
C ASP B 99 23.56 -5.87 1.00
N MET B 100 23.58 -5.73 2.33
CA MET B 100 23.23 -6.82 3.29
C MET B 100 22.46 -6.21 4.46
N LEU C 1 -4.07 -5.33 27.94
CA LEU C 1 -4.21 -5.19 29.43
C LEU C 1 -3.52 -6.38 30.09
N LEU C 2 -2.87 -6.17 31.25
CA LEU C 2 -2.13 -7.21 32.01
C LEU C 2 -3.02 -7.92 33.03
N SER C 3 -2.62 -9.10 33.45
CA SER C 3 -3.30 -9.97 34.44
C SER C 3 -3.39 -9.24 35.76
C1 QCN C 4 -8.18 -6.72 35.62
C2 QCN C 4 -9.65 -6.86 36.09
C3 QCN C 4 -7.99 -5.44 34.82
C4 QCN C 4 -7.86 -7.91 34.70
N QCN C 4 -4.09 -9.89 36.69
CA QCN C 4 -4.09 -9.49 38.07
CB QCN C 4 -5.47 -9.37 38.68
CG QCN C 4 -6.04 -8.05 38.37
CD1 QCN C 4 -5.82 -6.96 39.22
CE1 QCN C 4 -6.39 -5.74 38.88
CZ QCN C 4 -7.13 -5.65 37.69
OH QCN C 4 -7.68 -4.45 37.37
CE2 QCN C 4 -7.32 -6.76 36.84
CD2 QCN C 4 -6.79 -7.96 37.22
C QCN C 4 -3.57 -10.67 38.87
O QCN C 4 -4.00 -10.86 40.01
N PHE C 5 -2.73 -11.51 38.31
CA PHE C 5 -2.37 -12.64 39.15
C PHE C 5 -0.89 -12.97 39.06
N GLY C 6 -0.29 -12.82 40.24
CA GLY C 6 1.12 -13.00 40.54
C GLY C 6 1.36 -14.40 40.97
N THR C 7 2.07 -15.16 40.12
CA THR C 7 2.15 -16.66 40.11
C THR C 7 3.52 -17.08 40.65
N PRO C 8 3.71 -17.14 42.00
CA PRO C 8 5.00 -17.50 42.60
C PRO C 8 5.27 -19.02 42.62
N THR C 9 6.28 -19.50 41.87
CA THR C 9 6.58 -20.96 41.69
C THR C 9 7.03 -21.59 43.01
N GLY D 1 -16.72 14.67 -2.49
CA GLY D 1 -16.47 13.87 -1.26
C GLY D 1 -15.74 12.59 -1.57
N SER D 2 -15.52 11.74 -0.56
CA SER D 2 -14.49 10.69 -0.57
C SER D 2 -14.75 9.65 -1.68
N HIS D 3 -16.00 9.48 -2.14
CA HIS D 3 -16.39 8.33 -3.00
C HIS D 3 -17.63 8.66 -3.85
N SER D 4 -17.61 8.18 -5.11
CA SER D 4 -18.46 8.59 -6.26
C SER D 4 -18.63 7.42 -7.22
N MET D 5 -19.87 7.08 -7.59
CA MET D 5 -20.18 6.15 -8.71
C MET D 5 -20.88 6.94 -9.83
N ARG D 6 -20.26 6.99 -11.01
CA ARG D 6 -20.73 7.76 -12.19
C ARG D 6 -20.84 6.84 -13.39
N TYR D 7 -21.76 7.15 -14.30
CA TYR D 7 -22.03 6.37 -15.54
C TYR D 7 -21.98 7.33 -16.74
N PHE D 8 -21.22 6.98 -17.78
CA PHE D 8 -21.03 7.85 -18.97
C PHE D 8 -21.62 7.15 -20.20
N PHE D 9 -22.55 7.83 -20.89
CA PHE D 9 -23.07 7.39 -22.21
C PHE D 9 -22.78 8.46 -23.27
N THR D 10 -22.45 7.98 -24.45
CA THR D 10 -22.37 8.76 -25.71
C THR D 10 -23.15 7.96 -26.74
N SER D 11 -24.03 8.61 -27.50
CA SER D 11 -24.68 8.07 -28.72
C SER D 11 -24.41 9.03 -29.88
N VAL D 12 -24.02 8.52 -31.03
CA VAL D 12 -23.62 9.33 -32.23
C VAL D 12 -24.39 8.76 -33.44
N SER D 13 -25.10 9.61 -34.14
CA SER D 13 -25.89 9.24 -35.33
C SER D 13 -24.93 9.12 -36.51
N ARG D 14 -25.21 8.16 -37.39
CA ARG D 14 -24.45 7.90 -38.64
C ARG D 14 -25.47 7.59 -39.72
N PRO D 15 -25.97 8.62 -40.45
CA PRO D 15 -27.28 8.54 -41.06
C PRO D 15 -27.42 7.49 -42.18
N GLY D 16 -26.56 7.54 -43.20
CA GLY D 16 -26.59 6.60 -44.33
C GLY D 16 -26.02 5.24 -43.96
N ARG D 17 -25.62 5.05 -42.69
CA ARG D 17 -24.70 3.96 -42.26
C ARG D 17 -25.24 3.28 -41.00
N GLY D 18 -26.50 2.83 -41.00
CA GLY D 18 -27.11 2.09 -39.87
C GLY D 18 -27.40 2.97 -38.64
N GLU D 19 -27.88 2.33 -37.58
CA GLU D 19 -28.48 3.02 -36.41
C GLU D 19 -27.33 3.58 -35.55
N PRO D 20 -27.57 4.42 -34.52
CA PRO D 20 -26.50 5.26 -33.96
C PRO D 20 -25.46 4.38 -33.23
N ARG D 21 -24.24 4.88 -33.11
CA ARG D 21 -23.22 4.22 -32.25
C ARG D 21 -23.44 4.63 -30.79
N PHE D 22 -23.53 3.64 -29.92
CA PHE D 22 -23.75 3.81 -28.46
C PHE D 22 -22.58 3.17 -27.73
N ILE D 23 -21.96 3.93 -26.83
CA ILE D 23 -20.85 3.50 -25.93
C ILE D 23 -21.19 4.00 -24.52
N ALA D 24 -21.39 3.08 -23.59
CA ALA D 24 -21.63 3.33 -22.16
C ALA D 24 -20.38 2.94 -21.41
N VAL D 25 -20.13 3.58 -20.28
CA VAL D 25 -19.03 3.23 -19.34
C VAL D 25 -19.49 3.47 -17.89
N GLY D 26 -19.00 2.66 -16.98
CA GLY D 26 -19.23 2.79 -15.54
C GLY D 26 -17.94 3.05 -14.79
N TYR D 27 -18.02 3.91 -13.77
CA TYR D 27 -16.88 4.40 -12.96
C TYR D 27 -17.29 4.37 -11.50
N VAL D 28 -16.46 3.73 -10.67
CA VAL D 28 -16.38 3.98 -9.21
C VAL D 28 -15.08 4.73 -8.99
N ASP D 29 -15.16 5.92 -8.37
CA ASP D 29 -14.10 6.95 -8.38
C ASP D 29 -13.37 6.89 -9.71
N ASP D 30 -12.06 6.69 -9.73
CA ASP D 30 -11.26 6.83 -10.96
C ASP D 30 -11.11 5.48 -11.69
N THR D 31 -12.00 4.51 -11.43
CA THR D 31 -11.90 3.11 -11.93
C THR D 31 -13.11 2.76 -12.81
N GLN D 32 -12.86 2.17 -13.99
CA GLN D 32 -13.88 1.68 -14.95
C GLN D 32 -14.16 0.22 -14.62
N PHE D 33 -15.40 -0.11 -14.24
CA PHE D 33 -15.77 -1.49 -13.84
C PHE D 33 -16.62 -2.17 -14.91
N VAL D 34 -17.26 -1.41 -15.81
CA VAL D 34 -18.16 -1.97 -16.87
C VAL D 34 -18.17 -1.05 -18.10
N ARG D 35 -18.61 -1.61 -19.24
CA ARG D 35 -18.59 -1.02 -20.62
C ARG D 35 -19.60 -1.76 -21.52
N PHE D 36 -20.30 -1.05 -22.39
CA PHE D 36 -21.02 -1.64 -23.54
C PHE D 36 -20.63 -0.83 -24.77
N ASP D 37 -20.46 -1.51 -25.92
CA ASP D 37 -20.17 -0.90 -27.25
C ASP D 37 -21.08 -1.58 -28.29
N SER D 38 -21.98 -0.80 -28.89
CA SER D 38 -22.97 -1.24 -29.94
C SER D 38 -22.27 -1.86 -31.17
N ASP D 39 -20.96 -1.63 -31.37
CA ASP D 39 -20.23 -2.13 -32.58
C ASP D 39 -19.32 -3.31 -32.17
N ALA D 40 -19.64 -4.01 -31.08
CA ALA D 40 -18.84 -5.14 -30.53
C ALA D 40 -19.64 -6.45 -30.60
N ALA D 41 -18.96 -7.60 -30.74
CA ALA D 41 -19.57 -8.92 -30.96
C ALA D 41 -20.67 -9.14 -29.93
N SER D 42 -20.29 -9.30 -28.66
CA SER D 42 -21.10 -9.91 -27.57
C SER D 42 -22.44 -9.19 -27.42
N GLN D 43 -22.49 -7.88 -27.70
CA GLN D 43 -23.71 -7.09 -27.49
C GLN D 43 -24.14 -7.26 -26.03
N ARG D 44 -23.16 -7.33 -25.13
CA ARG D 44 -23.34 -7.54 -23.67
C ARG D 44 -22.58 -6.47 -22.87
N MET D 45 -23.11 -6.16 -21.68
CA MET D 45 -22.38 -5.47 -20.58
C MET D 45 -21.16 -6.32 -20.23
N GLU D 46 -19.95 -5.79 -20.45
CA GLU D 46 -18.67 -6.56 -20.22
C GLU D 46 -17.97 -6.00 -19.00
N PRO D 47 -17.28 -6.83 -18.18
CA PRO D 47 -16.48 -6.31 -17.09
C PRO D 47 -15.20 -5.62 -17.58
N ARG D 48 -14.59 -4.85 -16.69
CA ARG D 48 -13.25 -4.22 -16.90
C ARG D 48 -12.51 -4.07 -15.55
N ALA D 49 -13.01 -4.68 -14.46
CA ALA D 49 -12.40 -4.64 -13.11
C ALA D 49 -12.46 -6.02 -12.46
N PRO D 50 -11.49 -6.39 -11.61
CA PRO D 50 -11.51 -7.71 -10.97
C PRO D 50 -12.77 -7.89 -10.10
N TRP D 51 -13.03 -6.90 -9.25
CA TRP D 51 -13.97 -6.97 -8.09
C TRP D 51 -15.44 -6.95 -8.55
N ILE D 52 -15.70 -7.04 -9.86
CA ILE D 52 -17.09 -7.00 -10.45
C ILE D 52 -17.37 -8.31 -11.17
N GLU D 53 -16.32 -9.01 -11.61
CA GLU D 53 -16.39 -10.33 -12.33
C GLU D 53 -17.14 -11.37 -11.47
N GLN D 54 -17.04 -11.29 -10.14
CA GLN D 54 -17.60 -12.29 -9.18
C GLN D 54 -19.12 -12.20 -9.16
N GLU D 55 -19.70 -11.08 -9.65
CA GLU D 55 -21.17 -10.86 -9.73
C GLU D 55 -21.82 -11.95 -10.56
N GLY D 56 -23.01 -12.40 -10.16
CA GLY D 56 -23.75 -13.55 -10.72
C GLY D 56 -24.36 -13.26 -12.08
N PRO D 57 -24.67 -14.31 -12.88
CA PRO D 57 -25.21 -14.14 -14.24
C PRO D 57 -26.55 -13.37 -14.33
N GLU D 58 -27.34 -13.32 -13.26
CA GLU D 58 -28.61 -12.50 -13.22
C GLU D 58 -28.23 -11.00 -13.29
N TYR D 59 -27.13 -10.61 -12.64
CA TYR D 59 -26.58 -9.22 -12.68
C TYR D 59 -26.25 -8.81 -14.11
N TRP D 60 -25.45 -9.60 -14.83
CA TRP D 60 -24.97 -9.23 -16.19
C TRP D 60 -26.14 -9.12 -17.16
N ASP D 61 -27.06 -10.11 -17.15
CA ASP D 61 -28.33 -10.15 -17.93
C ASP D 61 -29.12 -8.84 -17.68
N GLY D 62 -29.46 -8.57 -16.43
CA GLY D 62 -29.99 -7.26 -15.99
C GLY D 62 -29.31 -6.15 -16.75
N GLU D 63 -28.07 -5.85 -16.41
CA GLU D 63 -27.35 -4.64 -16.88
C GLU D 63 -27.36 -4.59 -18.42
N THR D 64 -27.14 -5.72 -19.07
CA THR D 64 -27.14 -5.82 -20.55
C THR D 64 -28.50 -5.37 -21.06
N ARG D 65 -29.57 -5.82 -20.43
CA ARG D 65 -30.94 -5.44 -20.81
C ARG D 65 -31.08 -3.94 -20.61
N LYS D 66 -30.72 -3.39 -19.43
CA LYS D 66 -30.89 -1.95 -19.07
C LYS D 66 -30.08 -1.08 -20.01
N VAL D 67 -28.87 -1.52 -20.37
CA VAL D 67 -27.92 -0.71 -21.18
C VAL D 67 -28.47 -0.66 -22.61
N LYS D 68 -29.00 -1.78 -23.13
CA LYS D 68 -29.68 -1.85 -24.46
C LYS D 68 -30.90 -0.93 -24.41
N ALA D 69 -31.65 -0.99 -23.30
CA ALA D 69 -32.78 -0.10 -23.05
C ALA D 69 -32.31 1.33 -23.24
N HIS D 70 -31.21 1.72 -22.57
CA HIS D 70 -30.62 3.08 -22.63
C HIS D 70 -30.25 3.47 -24.08
N SER D 71 -29.47 2.62 -24.76
CA SER D 71 -29.08 2.86 -26.18
C SER D 71 -30.33 3.10 -27.04
N GLN D 72 -31.41 2.37 -26.81
CA GLN D 72 -32.65 2.50 -27.63
C GLN D 72 -33.34 3.84 -27.28
N THR D 73 -33.37 4.26 -26.01
CA THR D 73 -33.86 5.62 -25.61
C THR D 73 -33.02 6.67 -26.39
N HIS D 74 -31.69 6.59 -26.32
CA HIS D 74 -30.72 7.49 -27.01
C HIS D 74 -30.96 7.51 -28.52
N ARG D 75 -31.21 6.35 -29.12
CA ARG D 75 -31.49 6.25 -30.57
C ARG D 75 -32.68 7.19 -30.89
N VAL D 76 -33.79 7.10 -30.15
CA VAL D 76 -34.96 7.99 -30.39
C VAL D 76 -34.51 9.45 -30.20
N ASP D 77 -33.78 9.77 -29.12
CA ASP D 77 -33.36 11.15 -28.75
C ASP D 77 -32.76 11.88 -29.95
N LEU D 78 -31.94 11.19 -30.76
CA LEU D 78 -31.28 11.76 -31.97
C LEU D 78 -32.33 12.15 -33.02
N GLY D 79 -33.36 11.31 -33.24
CA GLY D 79 -34.55 11.67 -34.03
C GLY D 79 -35.19 12.96 -33.53
N THR D 80 -35.90 12.89 -32.39
CA THR D 80 -36.60 14.03 -31.75
C THR D 80 -35.83 15.34 -31.96
N LEU D 81 -34.52 15.29 -31.72
CA LEU D 81 -33.64 16.48 -31.59
C LEU D 81 -33.41 17.09 -32.98
N ARG D 82 -32.82 16.30 -33.88
CA ARG D 82 -32.60 16.68 -35.28
C ARG D 82 -33.81 17.51 -35.74
N GLY D 83 -35.02 16.96 -35.59
CA GLY D 83 -36.32 17.64 -35.75
C GLY D 83 -36.37 18.95 -34.95
N TYR D 84 -36.30 18.91 -33.61
CA TYR D 84 -36.46 20.12 -32.74
C TYR D 84 -35.61 21.25 -33.31
N TYR D 85 -34.34 20.98 -33.56
CA TYR D 85 -33.32 21.97 -33.98
C TYR D 85 -33.33 22.07 -35.51
N ASN D 86 -34.16 21.27 -36.19
CA ASN D 86 -34.42 21.47 -37.63
C ASN D 86 -33.11 21.23 -38.40
N GLN D 87 -32.29 20.30 -37.95
CA GLN D 87 -31.04 19.93 -38.65
C GLN D 87 -31.44 18.96 -39.74
N SER D 88 -30.75 19.02 -40.88
CA SER D 88 -30.91 18.07 -42.01
C SER D 88 -30.59 16.65 -41.52
N GLU D 89 -30.91 15.63 -42.34
CA GLU D 89 -30.85 14.20 -41.96
C GLU D 89 -29.52 13.58 -42.36
N ALA D 90 -28.68 14.35 -43.05
CA ALA D 90 -27.40 13.89 -43.63
C ALA D 90 -26.28 14.02 -42.59
N GLY D 91 -26.44 14.90 -41.59
CA GLY D 91 -25.37 15.31 -40.63
C GLY D 91 -25.28 14.43 -39.41
N SER D 92 -24.10 14.26 -38.84
CA SER D 92 -23.83 13.48 -37.61
C SER D 92 -24.07 14.34 -36.37
N HIS D 93 -24.71 13.81 -35.34
CA HIS D 93 -25.04 14.55 -34.09
C HIS D 93 -24.83 13.67 -32.90
N THR D 94 -24.60 14.27 -31.74
CA THR D 94 -24.01 13.62 -30.55
C THR D 94 -24.92 13.87 -29.36
N VAL D 95 -25.21 12.82 -28.64
CA VAL D 95 -25.91 12.87 -27.34
C VAL D 95 -24.94 12.35 -26.28
N GLN D 96 -24.82 13.07 -25.17
CA GLN D 96 -23.95 12.71 -24.03
C GLN D 96 -24.76 12.84 -22.74
N ARG D 97 -24.53 11.91 -21.84
CA ARG D 97 -25.31 11.71 -20.64
C ARG D 97 -24.38 11.16 -19.59
N MET D 98 -24.68 11.48 -18.36
CA MET D 98 -23.78 11.34 -17.21
C MET D 98 -24.70 11.41 -15.98
N TYR D 99 -24.76 10.33 -15.23
CA TYR D 99 -25.35 10.37 -13.88
C TYR D 99 -24.57 9.47 -12.94
N GLY D 100 -24.85 9.71 -11.66
CA GLY D 100 -24.36 8.94 -10.52
C GLY D 100 -24.55 9.73 -9.25
N CYS D 101 -24.08 9.20 -8.13
CA CYS D 101 -24.14 9.85 -6.80
C CYS D 101 -22.72 9.92 -6.20
N ASP D 102 -22.45 10.96 -5.39
CA ASP D 102 -21.25 11.04 -4.51
C ASP D 102 -21.70 10.69 -3.09
N VAL D 103 -20.89 9.93 -2.37
CA VAL D 103 -21.07 9.77 -0.90
C VAL D 103 -19.85 10.39 -0.18
N GLY D 104 -19.98 10.66 1.10
CA GLY D 104 -18.89 11.21 1.94
C GLY D 104 -18.23 10.14 2.80
N SER D 105 -17.26 10.52 3.62
CA SER D 105 -16.35 9.61 4.35
C SER D 105 -17.13 8.65 5.27
N ASP D 106 -18.39 8.96 5.58
CA ASP D 106 -19.34 8.11 6.35
C ASP D 106 -20.21 7.27 5.40
N TRP D 107 -20.05 7.45 4.08
CA TRP D 107 -20.67 6.64 2.99
C TRP D 107 -22.17 6.96 2.84
N ARG D 108 -22.63 8.08 3.42
CA ARG D 108 -24.02 8.56 3.27
C ARG D 108 -24.06 9.55 2.11
N PHE D 109 -25.17 9.52 1.40
CA PHE D 109 -25.48 10.38 0.23
C PHE D 109 -24.94 11.79 0.49
N LEU D 110 -24.04 12.25 -0.39
CA LEU D 110 -23.56 13.65 -0.45
C LEU D 110 -24.43 14.43 -1.44
N ARG D 111 -24.61 13.90 -2.65
CA ARG D 111 -25.14 14.68 -3.78
C ARG D 111 -25.44 13.79 -4.99
N GLY D 112 -26.43 14.20 -5.77
CA GLY D 112 -26.91 13.51 -6.98
C GLY D 112 -26.63 14.37 -8.18
N TYR D 113 -26.60 13.81 -9.39
CA TYR D 113 -26.38 14.60 -10.62
C TYR D 113 -26.74 13.77 -11.85
N HIS D 114 -27.41 14.41 -12.79
CA HIS D 114 -27.79 13.89 -14.09
C HIS D 114 -27.72 15.05 -15.07
N GLN D 115 -26.69 15.03 -15.92
CA GLN D 115 -26.48 16.02 -17.01
C GLN D 115 -26.60 15.35 -18.37
N TYR D 116 -27.18 16.12 -19.28
CA TYR D 116 -27.48 15.76 -20.69
C TYR D 116 -26.91 16.87 -21.57
N ALA D 117 -26.33 16.53 -22.70
CA ALA D 117 -25.80 17.50 -23.69
C ALA D 117 -26.17 17.02 -25.09
N TYR D 118 -26.35 17.95 -26.03
CA TYR D 118 -26.55 17.66 -27.48
C TYR D 118 -25.50 18.47 -28.26
N ASP D 119 -24.66 17.75 -29.02
CA ASP D 119 -23.57 18.32 -29.84
C ASP D 119 -22.55 19.03 -28.95
N GLY D 120 -22.36 18.54 -27.73
CA GLY D 120 -21.36 19.06 -26.79
C GLY D 120 -21.80 20.35 -26.10
N LYS D 121 -23.11 20.61 -26.05
CA LYS D 121 -23.66 21.78 -25.28
C LYS D 121 -24.63 21.27 -24.23
N ASP D 122 -24.55 21.82 -23.02
CA ASP D 122 -25.53 21.62 -21.93
C ASP D 122 -26.93 21.76 -22.54
N TYR D 123 -27.75 20.72 -22.42
CA TYR D 123 -29.16 20.69 -22.87
C TYR D 123 -30.06 20.80 -21.64
N ILE D 124 -29.94 19.84 -20.75
CA ILE D 124 -30.74 19.81 -19.50
C ILE D 124 -29.91 19.19 -18.39
N ALA D 125 -29.92 19.84 -17.22
CA ALA D 125 -29.36 19.31 -15.97
C ALA D 125 -30.45 19.28 -14.88
N LEU D 126 -30.45 18.23 -14.09
CA LEU D 126 -31.21 18.08 -12.83
C LEU D 126 -30.57 18.95 -11.75
N LYS D 127 -31.35 19.79 -11.06
CA LYS D 127 -30.85 20.75 -10.04
C LYS D 127 -30.44 19.98 -8.77
N GLU D 128 -29.59 20.57 -7.94
CA GLU D 128 -29.00 19.89 -6.75
C GLU D 128 -30.09 19.54 -5.72
N ASP D 129 -31.26 20.21 -5.75
CA ASP D 129 -32.38 19.85 -4.84
C ASP D 129 -32.95 18.50 -5.32
N LEU D 130 -32.69 18.14 -6.57
CA LEU D 130 -33.07 16.82 -7.14
C LEU D 130 -34.60 16.75 -7.32
N ARG D 131 -35.25 17.90 -7.58
CA ARG D 131 -36.72 18.05 -7.72
C ARG D 131 -37.06 18.56 -9.11
N SER D 132 -36.14 19.32 -9.73
CA SER D 132 -36.42 20.22 -10.87
C SER D 132 -35.17 20.30 -11.74
N TRP D 133 -35.37 20.84 -12.95
CA TRP D 133 -34.40 20.81 -14.09
C TRP D 133 -33.97 22.23 -14.37
N THR D 134 -32.81 22.38 -14.98
CA THR D 134 -32.36 23.60 -15.67
C THR D 134 -32.45 23.31 -17.17
N ALA D 135 -33.14 24.16 -17.93
CA ALA D 135 -33.28 24.02 -19.41
C ALA D 135 -32.36 25.01 -20.08
N ALA D 136 -31.49 24.56 -21.00
CA ALA D 136 -30.48 25.40 -21.68
C ALA D 136 -31.15 26.46 -22.60
N ASP D 137 -32.26 26.09 -23.26
CA ASP D 137 -32.90 26.84 -24.38
C ASP D 137 -34.33 26.34 -24.57
N MET D 138 -34.97 26.69 -25.69
CA MET D 138 -36.43 26.52 -25.94
C MET D 138 -36.73 25.09 -26.35
N ALA D 139 -35.79 24.41 -27.02
CA ALA D 139 -35.95 22.96 -27.32
C ALA D 139 -36.06 22.24 -25.99
N ALA D 140 -35.25 22.66 -25.04
CA ALA D 140 -35.00 21.98 -23.77
C ALA D 140 -36.13 22.26 -22.80
N GLN D 141 -36.92 23.33 -22.98
CA GLN D 141 -38.14 23.56 -22.14
C GLN D 141 -39.17 22.49 -22.53
N THR D 142 -39.38 22.27 -23.83
CA THR D 142 -40.21 21.15 -24.33
C THR D 142 -39.94 19.90 -23.49
N THR D 143 -38.68 19.48 -23.41
CA THR D 143 -38.23 18.25 -22.72
C THR D 143 -38.61 18.37 -21.26
N LYS D 144 -38.32 19.53 -20.67
CA LYS D 144 -38.40 19.79 -19.22
C LYS D 144 -39.82 19.54 -18.80
N HIS D 145 -40.75 20.14 -19.56
CA HIS D 145 -42.22 19.99 -19.42
C HIS D 145 -42.60 18.52 -19.52
N LYS D 146 -42.09 17.82 -20.53
CA LYS D 146 -42.34 16.40 -20.78
C LYS D 146 -41.93 15.58 -19.54
N TRP D 147 -40.76 15.90 -18.94
CA TRP D 147 -40.16 15.20 -17.77
C TRP D 147 -40.78 15.68 -16.46
N GLU D 148 -41.36 16.89 -16.44
CA GLU D 148 -42.12 17.42 -15.29
C GLU D 148 -43.43 16.67 -15.16
N ALA D 149 -44.08 16.40 -16.31
CA ALA D 149 -45.36 15.63 -16.42
C ALA D 149 -45.09 14.21 -15.94
N ALA D 150 -44.09 13.57 -16.56
CA ALA D 150 -43.71 12.16 -16.33
C ALA D 150 -42.92 12.01 -15.01
N HIS D 151 -42.92 13.06 -14.16
CA HIS D 151 -42.37 13.06 -12.78
C HIS D 151 -41.03 12.33 -12.78
N VAL D 152 -40.10 12.74 -13.65
CA VAL D 152 -38.82 12.02 -13.91
C VAL D 152 -37.86 12.28 -12.77
N ALA D 153 -37.73 13.54 -12.33
CA ALA D 153 -36.87 13.93 -11.20
C ALA D 153 -37.16 13.03 -9.99
N GLU D 154 -38.42 12.81 -9.67
CA GLU D 154 -38.81 12.08 -8.44
C GLU D 154 -38.27 10.66 -8.53
N GLN D 155 -38.31 10.07 -9.72
CA GLN D 155 -37.89 8.65 -9.90
C GLN D 155 -36.37 8.58 -10.04
N LEU D 156 -35.70 9.70 -10.35
CA LEU D 156 -34.22 9.81 -10.27
C LEU D 156 -33.78 10.05 -8.82
N ARG D 157 -34.55 10.80 -8.02
CA ARG D 157 -34.26 11.03 -6.58
C ARG D 157 -34.25 9.66 -5.89
N ALA D 158 -35.25 8.84 -6.14
CA ALA D 158 -35.38 7.50 -5.53
C ALA D 158 -34.08 6.74 -5.77
N TYR D 159 -33.58 6.71 -7.02
CA TYR D 159 -32.44 5.86 -7.45
C TYR D 159 -31.12 6.42 -6.89
N LEU D 160 -30.94 7.73 -7.04
CA LEU D 160 -29.70 8.45 -6.70
C LEU D 160 -29.44 8.41 -5.19
N GLU D 161 -30.48 8.55 -4.37
CA GLU D 161 -30.34 8.68 -2.89
C GLU D 161 -30.38 7.32 -2.24
N GLY D 162 -30.75 6.29 -3.02
CA GLY D 162 -31.09 4.95 -2.52
C GLY D 162 -30.19 3.91 -3.11
N THR D 163 -30.50 3.44 -4.33
CA THR D 163 -29.86 2.25 -4.95
C THR D 163 -28.43 2.63 -5.35
N CYS D 164 -28.23 3.86 -5.84
CA CYS D 164 -26.95 4.33 -6.43
C CYS D 164 -25.90 4.30 -5.33
N VAL D 165 -26.17 4.97 -4.22
CA VAL D 165 -25.30 4.92 -3.00
C VAL D 165 -25.16 3.47 -2.53
N GLU D 166 -26.27 2.73 -2.42
CA GLU D 166 -26.31 1.42 -1.70
C GLU D 166 -25.43 0.41 -2.46
N TRP D 167 -25.36 0.49 -3.78
CA TRP D 167 -24.47 -0.39 -4.62
C TRP D 167 -23.07 0.22 -4.83
N LEU D 168 -22.93 1.54 -4.75
CA LEU D 168 -21.61 2.17 -4.52
C LEU D 168 -21.00 1.57 -3.25
N ARG D 169 -21.71 1.60 -2.12
CA ARG D 169 -21.18 1.07 -0.82
C ARG D 169 -20.76 -0.38 -1.06
N ARG D 170 -21.61 -1.17 -1.70
CA ARG D 170 -21.36 -2.60 -2.00
C ARG D 170 -20.05 -2.76 -2.79
N TYR D 171 -19.85 -1.98 -3.85
CA TYR D 171 -18.69 -2.09 -4.77
C TYR D 171 -17.40 -1.68 -4.07
N LEU D 172 -17.49 -0.77 -3.11
CA LEU D 172 -16.35 -0.36 -2.29
C LEU D 172 -15.93 -1.55 -1.41
N GLU D 173 -16.87 -2.23 -0.74
CA GLU D 173 -16.51 -3.40 0.11
C GLU D 173 -15.89 -4.47 -0.80
N ASN D 174 -16.60 -4.90 -1.85
CA ASN D 174 -16.21 -6.06 -2.69
C ASN D 174 -14.94 -5.73 -3.49
N GLY D 175 -14.60 -4.43 -3.65
CA GLY D 175 -13.34 -3.96 -4.28
C GLY D 175 -12.37 -3.31 -3.29
N LYS D 176 -12.55 -3.57 -1.99
CA LYS D 176 -11.87 -2.87 -0.85
C LYS D 176 -10.37 -2.70 -1.14
N GLU D 177 -9.66 -3.83 -1.20
CA GLU D 177 -8.32 -3.98 -1.84
C GLU D 177 -8.13 -2.88 -2.87
N THR D 178 -8.76 -3.05 -4.04
CA THR D 178 -8.66 -2.10 -5.19
C THR D 178 -8.96 -0.70 -4.70
N LEU D 179 -10.21 -0.49 -4.29
CA LEU D 179 -10.96 0.78 -4.38
C LEU D 179 -10.66 1.65 -3.17
N GLN D 180 -10.25 1.07 -2.05
CA GLN D 180 -10.05 1.84 -0.79
C GLN D 180 -8.56 1.93 -0.44
N ARG D 181 -7.67 1.38 -1.30
CA ARG D 181 -6.21 1.68 -1.30
C ARG D 181 -6.00 3.11 -1.82
N THR D 182 -4.96 3.76 -1.34
CA THR D 182 -4.37 4.95 -1.98
C THR D 182 -2.95 4.59 -2.39
N ASP D 183 -2.62 4.78 -3.67
CA ASP D 183 -1.24 4.63 -4.18
C ASP D 183 -0.55 5.99 -4.18
N ALA D 184 0.32 6.22 -3.19
CA ALA D 184 1.30 7.33 -3.11
C ALA D 184 2.09 7.40 -4.41
N PRO D 185 2.46 8.63 -4.87
CA PRO D 185 3.14 8.79 -6.15
C PRO D 185 4.60 8.37 -5.97
N LYS D 186 5.09 7.53 -6.87
CA LYS D 186 6.55 7.28 -7.07
C LYS D 186 7.17 8.57 -7.64
N THR D 187 7.98 9.24 -6.84
CA THR D 187 8.62 10.51 -7.20
C THR D 187 10.12 10.31 -7.49
N HIS D 188 10.57 10.88 -8.60
CA HIS D 188 11.99 11.13 -8.91
C HIS D 188 12.04 12.47 -9.63
N MET D 189 13.24 13.03 -9.82
CA MET D 189 13.44 14.27 -10.60
C MET D 189 14.52 14.08 -11.66
N THR D 190 14.36 14.73 -12.81
CA THR D 190 15.32 14.70 -13.95
C THR D 190 15.79 16.10 -14.30
N HIS D 191 17.07 16.17 -14.70
CA HIS D 191 17.79 17.34 -15.23
C HIS D 191 18.11 17.11 -16.71
N HIS D 192 17.95 18.15 -17.54
CA HIS D 192 18.48 18.19 -18.94
C HIS D 192 18.87 19.61 -19.25
N ALA D 193 20.15 19.86 -19.35
CA ALA D 193 20.74 21.08 -19.91
C ALA D 193 19.96 21.40 -21.18
N VAL D 194 19.61 22.67 -21.33
CA VAL D 194 18.79 23.08 -22.50
C VAL D 194 19.52 24.18 -23.26
N SER D 195 20.49 24.84 -22.64
CA SER D 195 21.32 25.93 -23.22
C SER D 195 22.78 25.63 -22.85
N ASP D 196 23.72 26.52 -23.19
CA ASP D 196 24.97 26.71 -22.38
C ASP D 196 24.58 26.90 -20.90
N HIS D 197 23.67 27.83 -20.64
CA HIS D 197 23.50 28.52 -19.33
C HIS D 197 22.16 28.16 -18.70
N GLU D 198 21.63 26.96 -18.88
CA GLU D 198 20.24 26.63 -18.51
C GLU D 198 19.98 25.14 -18.56
N ALA D 199 19.31 24.63 -17.53
CA ALA D 199 18.76 23.28 -17.45
C ALA D 199 17.25 23.33 -17.30
N THR D 200 16.62 22.18 -17.49
CA THR D 200 15.19 21.88 -17.20
C THR D 200 15.14 20.95 -16.00
N LEU D 201 14.33 21.28 -15.02
CA LEU D 201 14.02 20.38 -13.89
C LEU D 201 12.60 19.85 -14.08
N ARG D 202 12.45 18.57 -14.32
CA ARG D 202 11.14 17.92 -14.45
C ARG D 202 10.91 17.07 -13.20
N CYS D 203 9.92 17.39 -12.39
CA CYS D 203 9.50 16.55 -11.23
C CYS D 203 8.33 15.67 -11.67
N TRP D 204 8.43 14.37 -11.34
CA TRP D 204 7.57 13.25 -11.79
C TRP D 204 6.79 12.71 -10.58
N ALA D 205 5.49 12.46 -10.79
CA ALA D 205 4.63 11.58 -9.97
C ALA D 205 4.12 10.45 -10.88
N LEU D 206 4.37 9.21 -10.49
CA LEU D 206 4.05 8.00 -11.28
C LEU D 206 3.33 6.99 -10.38
N SER D 207 2.40 6.25 -10.96
CA SER D 207 1.77 5.07 -10.31
C SER D 207 0.93 5.50 -9.11
N PHE D 208 0.20 6.61 -9.24
CA PHE D 208 -0.68 7.07 -8.15
C PHE D 208 -2.16 6.83 -8.50
N TYR D 209 -2.91 6.53 -7.45
CA TYR D 209 -4.39 6.45 -7.37
C TYR D 209 -4.80 7.00 -6.00
N PRO D 210 -5.86 7.86 -5.88
CA PRO D 210 -6.67 8.31 -7.01
C PRO D 210 -5.95 9.31 -7.92
N ALA D 211 -6.69 9.89 -8.86
CA ALA D 211 -6.18 10.72 -9.98
C ALA D 211 -5.91 12.16 -9.53
N GLU D 212 -6.50 12.59 -8.40
CA GLU D 212 -6.40 13.99 -7.90
C GLU D 212 -4.97 14.19 -7.35
N ILE D 213 -4.22 15.12 -7.93
CA ILE D 213 -2.86 15.49 -7.42
C ILE D 213 -2.65 16.99 -7.60
N THR D 214 -1.67 17.55 -6.91
CA THR D 214 -1.04 18.84 -7.30
C THR D 214 0.48 18.74 -7.24
N LEU D 215 1.15 19.22 -8.29
CA LEU D 215 2.61 19.53 -8.38
C LEU D 215 2.81 21.04 -8.53
N THR D 216 3.61 21.64 -7.66
CA THR D 216 3.95 23.07 -7.63
C THR D 216 5.45 23.22 -7.61
N TRP D 217 5.96 24.27 -8.22
CA TRP D 217 7.37 24.69 -8.06
C TRP D 217 7.39 25.89 -7.14
N GLN D 218 8.38 25.95 -6.25
CA GLN D 218 8.77 27.17 -5.51
C GLN D 218 10.17 27.55 -5.93
N ARG D 219 10.39 28.85 -6.04
CA ARG D 219 11.72 29.50 -6.13
C ARG D 219 11.95 30.18 -4.79
N ASP D 220 12.90 29.68 -4.00
CA ASP D 220 13.21 30.29 -2.69
C ASP D 220 11.93 30.31 -1.83
N GLY D 221 11.13 29.26 -1.90
CA GLY D 221 9.93 29.09 -1.07
C GLY D 221 8.77 29.98 -1.50
N GLU D 222 8.86 30.63 -2.67
CA GLU D 222 7.73 31.41 -3.25
C GLU D 222 7.39 30.83 -4.62
N ASP D 223 6.10 30.54 -4.89
CA ASP D 223 5.65 29.77 -6.08
C ASP D 223 6.03 30.53 -7.34
N GLN D 224 6.37 29.78 -8.38
CA GLN D 224 7.10 30.30 -9.56
C GLN D 224 6.40 29.85 -10.84
N THR D 225 5.12 29.49 -10.78
CA THR D 225 4.49 28.91 -11.99
C THR D 225 4.18 30.08 -12.92
N GLN D 226 5.26 30.73 -13.40
CA GLN D 226 5.44 31.33 -14.75
C GLN D 226 6.75 30.78 -15.32
N ASP D 227 6.80 30.53 -16.63
CA ASP D 227 7.94 29.86 -17.31
C ASP D 227 8.04 28.41 -16.82
N THR D 228 6.90 27.77 -16.59
CA THR D 228 6.85 26.32 -16.32
C THR D 228 6.00 25.62 -17.38
N GLU D 229 6.12 24.30 -17.38
CA GLU D 229 5.43 23.35 -18.30
C GLU D 229 4.82 22.28 -17.40
N LEU D 230 3.50 22.17 -17.40
CA LEU D 230 2.77 21.18 -16.58
C LEU D 230 1.86 20.42 -17.51
N VAL D 231 1.98 19.09 -17.56
CA VAL D 231 1.04 18.22 -18.29
C VAL D 231 -0.18 17.96 -17.39
N GLU D 232 -1.36 18.03 -17.99
CA GLU D 232 -2.62 17.42 -17.52
C GLU D 232 -2.34 15.97 -17.12
N THR D 233 -2.88 15.51 -15.98
CA THR D 233 -2.71 14.12 -15.46
C THR D 233 -3.25 13.15 -16.50
N ARG D 234 -2.76 11.92 -16.55
CA ARG D 234 -3.01 10.98 -17.66
C ARG D 234 -2.90 9.57 -17.12
N PRO D 235 -3.59 8.56 -17.71
CA PRO D 235 -3.53 7.19 -17.20
C PRO D 235 -2.24 6.48 -17.64
N ALA D 236 -1.60 5.79 -16.68
CA ALA D 236 -0.56 4.76 -16.89
C ALA D 236 -1.10 3.65 -17.78
N GLY D 237 -2.39 3.35 -17.62
CA GLY D 237 -3.12 2.31 -18.35
C GLY D 237 -3.18 1.02 -17.57
N ASP D 238 -2.96 1.09 -16.26
CA ASP D 238 -2.95 -0.08 -15.34
C ASP D 238 -3.79 0.25 -14.09
N GLY D 239 -4.61 1.30 -14.14
CA GLY D 239 -5.45 1.70 -13.00
C GLY D 239 -4.73 2.72 -12.12
N THR D 240 -3.55 3.17 -12.57
CA THR D 240 -2.78 4.26 -11.92
C THR D 240 -2.61 5.44 -12.88
N PHE D 241 -2.21 6.58 -12.34
CA PHE D 241 -1.97 7.82 -13.12
C PHE D 241 -0.51 8.27 -12.98
N GLN D 242 -0.16 9.20 -13.85
CA GLN D 242 1.18 9.76 -14.10
C GLN D 242 1.00 11.27 -14.22
N LYS D 243 1.99 12.06 -13.78
CA LYS D 243 2.05 13.52 -14.06
C LYS D 243 3.52 13.98 -13.97
N TRP D 244 3.89 15.04 -14.70
CA TRP D 244 5.13 15.79 -14.46
C TRP D 244 4.90 17.29 -14.55
N ALA D 245 5.85 18.05 -14.06
CA ALA D 245 5.88 19.52 -14.05
C ALA D 245 7.34 19.94 -14.16
N ALA D 246 7.68 20.75 -15.14
CA ALA D 246 9.06 21.18 -15.43
C ALA D 246 9.15 22.69 -15.33
N VAL D 247 10.26 23.19 -14.78
CA VAL D 247 10.71 24.61 -14.88
C VAL D 247 12.08 24.61 -15.54
N VAL D 248 12.45 25.70 -16.22
CA VAL D 248 13.81 25.84 -16.79
C VAL D 248 14.58 26.92 -15.99
N VAL D 249 15.72 26.53 -15.43
CA VAL D 249 16.52 27.35 -14.45
C VAL D 249 17.84 27.78 -15.07
N PRO D 250 18.42 28.90 -14.59
CA PRO D 250 19.81 29.25 -14.88
C PRO D 250 20.83 28.40 -14.10
N SER D 251 21.71 27.72 -14.82
CA SER D 251 22.64 26.69 -14.26
C SER D 251 23.40 27.26 -13.07
N GLY D 252 23.61 26.44 -12.05
CA GLY D 252 24.15 26.85 -10.76
C GLY D 252 23.06 27.17 -9.76
N GLN D 253 21.79 27.22 -10.17
CA GLN D 253 20.70 27.77 -9.32
C GLN D 253 19.60 26.71 -9.08
N GLU D 254 19.87 25.44 -9.37
CA GLU D 254 18.86 24.34 -9.29
C GLU D 254 18.38 24.20 -7.85
N GLN D 255 19.31 24.02 -6.89
CA GLN D 255 18.99 23.78 -5.45
C GLN D 255 17.88 24.72 -4.95
N ARG D 256 17.82 25.96 -5.46
CA ARG D 256 16.88 27.06 -5.05
C ARG D 256 15.43 26.74 -5.44
N TYR D 257 15.23 25.78 -6.34
CA TYR D 257 13.91 25.36 -6.87
C TYR D 257 13.49 24.08 -6.14
N THR D 258 12.28 24.10 -5.58
CA THR D 258 11.66 22.94 -4.91
C THR D 258 10.33 22.67 -5.61
N CYS D 259 10.06 21.41 -5.94
CA CYS D 259 8.76 20.93 -6.44
C CYS D 259 8.00 20.28 -5.30
N HIS D 260 6.74 20.66 -5.12
CA HIS D 260 5.86 20.23 -3.99
C HIS D 260 4.71 19.38 -4.54
N VAL D 261 4.40 18.28 -3.86
CA VAL D 261 3.44 17.24 -4.35
C VAL D 261 2.43 16.95 -3.23
N GLN D 262 1.14 17.13 -3.53
CA GLN D 262 0.03 16.82 -2.59
C GLN D 262 -0.77 15.63 -3.15
N HIS D 263 -1.28 14.75 -2.28
CA HIS D 263 -2.11 13.58 -2.65
C HIS D 263 -2.79 13.03 -1.39
N GLU D 264 -3.98 12.43 -1.48
CA GLU D 264 -4.67 11.86 -0.30
C GLU D 264 -3.83 10.71 0.28
N GLY D 265 -2.98 10.10 -0.57
CA GLY D 265 -2.03 9.04 -0.21
C GLY D 265 -0.79 9.57 0.45
N LEU D 266 -0.70 10.88 0.70
CA LEU D 266 0.42 11.52 1.44
C LEU D 266 -0.16 12.20 2.67
N PRO D 267 0.28 11.83 3.90
CA PRO D 267 -0.11 12.56 5.09
C PRO D 267 0.32 14.03 5.00
N LYS D 268 1.60 14.27 4.69
CA LYS D 268 2.20 15.64 4.50
C LYS D 268 2.53 15.82 3.03
N PRO D 269 2.48 17.06 2.50
CA PRO D 269 3.05 17.33 1.18
C PRO D 269 4.54 16.94 1.17
N LEU D 270 4.99 16.35 0.07
CA LEU D 270 6.39 15.98 -0.18
C LEU D 270 7.07 17.14 -0.93
N THR D 271 8.20 17.60 -0.42
CA THR D 271 9.09 18.56 -1.10
C THR D 271 10.28 17.76 -1.63
N LEU D 272 10.60 17.94 -2.92
CA LEU D 272 11.74 17.30 -3.61
C LEU D 272 12.71 18.40 -4.09
N ARG D 273 14.02 18.22 -3.89
CA ARG D 273 15.10 18.99 -4.56
C ARG D 273 15.97 18.08 -5.41
N TRP D 274 16.38 18.57 -6.57
CA TRP D 274 17.38 17.92 -7.42
C TRP D 274 18.66 17.79 -6.60
N GLU D 275 19.19 16.58 -6.52
CA GLU D 275 20.23 16.15 -5.54
C GLU D 275 21.07 15.05 -6.18
N PRO D 276 21.76 15.33 -7.31
CA PRO D 276 22.19 14.31 -8.26
C PRO D 276 22.12 12.86 -7.75
N MET E 1 -22.26 24.08 -34.63
CA MET E 1 -21.86 22.82 -33.94
C MET E 1 -20.51 23.02 -33.21
N ILE E 2 -20.30 22.31 -32.10
CA ILE E 2 -19.07 22.39 -31.23
C ILE E 2 -17.88 21.71 -31.93
N GLN E 3 -16.65 22.08 -31.53
CA GLN E 3 -15.38 21.58 -32.13
C GLN E 3 -14.24 22.04 -31.23
N ARG E 4 -13.65 21.11 -30.46
CA ARG E 4 -12.35 21.29 -29.76
C ARG E 4 -11.32 20.41 -30.45
N THR E 5 -10.05 20.83 -30.51
CA THR E 5 -8.91 19.97 -30.97
C THR E 5 -8.56 19.06 -29.81
N PRO E 6 -8.01 17.85 -30.08
CA PRO E 6 -7.43 17.05 -29.02
C PRO E 6 -6.09 17.62 -28.50
N LYS E 7 -5.85 17.47 -27.20
CA LYS E 7 -4.53 17.39 -26.59
C LYS E 7 -4.00 15.98 -26.73
N ILE E 8 -2.87 15.83 -27.42
CA ILE E 8 -2.12 14.54 -27.61
C ILE E 8 -1.00 14.50 -26.59
N GLN E 9 -0.70 13.33 -26.04
CA GLN E 9 0.43 13.08 -25.11
C GLN E 9 0.89 11.64 -25.35
N VAL E 10 2.19 11.43 -25.54
CA VAL E 10 2.80 10.11 -25.92
C VAL E 10 3.88 9.80 -24.91
N TYR E 11 3.79 8.64 -24.25
CA TYR E 11 4.56 8.31 -23.03
C TYR E 11 4.47 6.79 -22.81
N SER E 12 5.47 6.16 -22.19
CA SER E 12 5.46 4.70 -21.89
C SER E 12 4.68 4.46 -20.60
N ARG E 13 4.05 3.31 -20.45
CA ARG E 13 3.41 2.97 -19.16
C ARG E 13 4.46 3.06 -18.05
N HIS E 14 5.60 2.35 -18.20
CA HIS E 14 6.70 2.27 -17.19
C HIS E 14 7.92 3.07 -17.68
N PRO E 15 8.81 3.55 -16.76
CA PRO E 15 10.02 4.26 -17.17
C PRO E 15 10.81 3.45 -18.21
N ALA E 16 11.14 4.07 -19.36
CA ALA E 16 11.70 3.41 -20.56
C ALA E 16 13.08 2.88 -20.21
N GLU E 17 13.33 1.59 -20.46
CA GLU E 17 14.68 0.98 -20.46
C GLU E 17 14.85 0.29 -21.82
N ASN E 18 15.82 0.76 -22.63
CA ASN E 18 16.30 0.04 -23.85
C ASN E 18 16.33 -1.45 -23.54
N GLY E 19 15.73 -2.26 -24.42
CA GLY E 19 15.80 -3.73 -24.35
C GLY E 19 14.61 -4.34 -23.63
N LYS E 20 13.81 -3.53 -22.95
CA LYS E 20 12.89 -3.99 -21.85
C LYS E 20 11.42 -3.80 -22.31
N SER E 21 10.66 -4.88 -22.28
CA SER E 21 9.21 -4.94 -22.62
C SER E 21 8.47 -3.87 -21.81
N ASN E 22 7.58 -3.10 -22.45
CA ASN E 22 6.94 -1.87 -21.88
C ASN E 22 5.65 -1.63 -22.67
N PHE E 23 4.91 -0.56 -22.38
CA PHE E 23 3.71 -0.18 -23.16
C PHE E 23 3.87 1.26 -23.66
N LEU E 24 3.57 1.49 -24.91
CA LEU E 24 3.51 2.87 -25.46
C LEU E 24 2.05 3.38 -25.28
N ASN E 25 1.88 4.62 -24.85
CA ASN E 25 0.56 5.25 -24.74
C ASN E 25 0.49 6.46 -25.68
N CYS E 26 -0.63 6.62 -26.39
CA CYS E 26 -1.09 7.89 -26.99
C CYS E 26 -2.45 8.25 -26.38
N TYR E 27 -2.46 9.29 -25.56
CA TYR E 27 -3.62 9.86 -24.82
C TYR E 27 -4.03 11.15 -25.53
N VAL E 28 -5.21 11.10 -26.15
CA VAL E 28 -5.89 12.22 -26.83
C VAL E 28 -7.11 12.62 -25.99
N SER E 29 -7.29 13.90 -25.71
CA SER E 29 -8.20 14.44 -24.66
C SER E 29 -8.68 15.84 -25.08
N GLY E 30 -9.76 16.32 -24.44
CA GLY E 30 -10.34 17.66 -24.62
C GLY E 30 -10.90 17.89 -26.02
N PHE E 31 -11.37 16.84 -26.73
CA PHE E 31 -11.76 16.94 -28.16
C PHE E 31 -13.27 16.70 -28.36
N HIS E 32 -13.76 17.06 -29.56
CA HIS E 32 -15.18 16.93 -30.02
C HIS E 32 -15.27 17.37 -31.47
N PRO E 33 -15.95 16.66 -32.40
CA PRO E 33 -16.59 15.37 -32.12
C PRO E 33 -15.60 14.20 -32.00
N SER E 34 -16.15 13.00 -31.70
CA SER E 34 -15.42 11.84 -31.11
C SER E 34 -14.67 11.13 -32.21
N ASP E 35 -15.24 10.99 -33.40
CA ASP E 35 -14.55 10.48 -34.61
C ASP E 35 -13.15 11.12 -34.69
N ILE E 36 -12.14 10.30 -34.52
CA ILE E 36 -10.71 10.67 -34.42
C ILE E 36 -9.93 9.44 -34.87
N GLU E 37 -8.96 9.63 -35.75
CA GLU E 37 -8.01 8.55 -36.11
C GLU E 37 -6.75 8.82 -35.34
N VAL E 38 -6.12 7.77 -34.85
CA VAL E 38 -4.80 7.85 -34.17
C VAL E 38 -4.00 6.60 -34.47
N ASP E 39 -3.00 6.72 -35.32
CA ASP E 39 -2.05 5.61 -35.54
C ASP E 39 -0.82 5.83 -34.67
N LEU E 40 -0.13 4.74 -34.34
CA LEU E 40 1.15 4.74 -33.62
C LEU E 40 2.25 4.38 -34.61
N LEU E 41 3.21 5.28 -34.84
CA LEU E 41 4.24 5.14 -35.89
C LEU E 41 5.50 4.59 -35.26
N LYS E 42 6.07 3.54 -35.84
CA LYS E 42 7.46 3.09 -35.57
C LYS E 42 8.29 3.48 -36.79
N ASN E 43 9.34 4.27 -36.59
CA ASN E 43 10.14 4.85 -37.70
C ASN E 43 9.20 5.12 -38.87
N GLY E 44 8.08 5.80 -38.65
CA GLY E 44 7.15 6.22 -39.73
C GLY E 44 6.06 5.18 -40.06
N GLU E 45 6.41 3.88 -40.03
CA GLU E 45 5.50 2.76 -40.39
C GLU E 45 4.51 2.47 -39.26
N ARG E 46 3.25 2.18 -39.61
CA ARG E 46 2.12 1.99 -38.66
C ARG E 46 2.33 0.73 -37.80
N ILE E 47 2.19 0.85 -36.48
CA ILE E 47 2.11 -0.27 -35.48
C ILE E 47 0.69 -0.80 -35.48
N GLU E 48 0.46 -2.08 -35.82
CA GLU E 48 -0.89 -2.54 -36.22
C GLU E 48 -1.63 -3.15 -35.02
N LYS E 49 -0.96 -3.93 -34.14
CA LYS E 49 -1.64 -4.59 -32.98
C LYS E 49 -1.83 -3.57 -31.84
N VAL E 50 -2.78 -2.65 -32.00
CA VAL E 50 -3.00 -1.46 -31.12
C VAL E 50 -4.35 -1.60 -30.43
N GLU E 51 -4.51 -1.02 -29.24
CA GLU E 51 -5.77 -1.18 -28.46
C GLU E 51 -6.09 0.12 -27.73
N HIS E 52 -7.38 0.39 -27.54
CA HIS E 52 -7.90 1.68 -27.05
C HIS E 52 -8.88 1.39 -25.93
N SER E 53 -8.98 2.29 -24.96
CA SER E 53 -10.00 2.28 -23.88
C SER E 53 -11.33 2.73 -24.48
N ASP E 54 -12.41 2.63 -23.73
CA ASP E 54 -13.75 3.09 -24.17
C ASP E 54 -13.79 4.61 -24.20
N LEU E 55 -14.35 5.15 -25.27
CA LEU E 55 -14.73 6.57 -25.36
C LEU E 55 -15.39 7.03 -24.04
N SER E 56 -14.91 8.12 -23.48
CA SER E 56 -15.57 8.85 -22.36
C SER E 56 -15.29 10.34 -22.54
N PHE E 57 -15.75 11.18 -21.62
CA PHE E 57 -15.60 12.65 -21.76
C PHE E 57 -15.40 13.27 -20.38
N SER E 58 -15.14 14.55 -20.31
CA SER E 58 -14.84 15.26 -19.05
C SER E 58 -16.09 15.95 -18.53
N LYS E 59 -15.98 16.60 -17.38
CA LYS E 59 -17.03 17.50 -16.81
C LYS E 59 -17.53 18.51 -17.87
N ASP E 60 -16.71 18.89 -18.88
CA ASP E 60 -17.08 19.91 -19.91
C ASP E 60 -17.46 19.23 -21.25
N TRP E 61 -17.64 17.92 -21.25
CA TRP E 61 -18.24 17.17 -22.39
C TRP E 61 -17.22 16.86 -23.48
N SER E 62 -15.93 17.12 -23.26
CA SER E 62 -14.90 16.92 -24.30
C SER E 62 -14.36 15.51 -24.14
N PHE E 63 -14.23 14.76 -25.23
CA PHE E 63 -13.95 13.29 -25.19
C PHE E 63 -12.46 13.08 -24.90
N TYR E 64 -12.15 11.88 -24.41
CA TYR E 64 -10.79 11.38 -24.18
C TYR E 64 -10.74 9.87 -24.42
N LEU E 65 -9.51 9.39 -24.63
CA LEU E 65 -9.19 8.06 -25.20
C LEU E 65 -7.70 7.83 -24.97
N LEU E 66 -7.32 6.63 -24.52
CA LEU E 66 -5.95 6.05 -24.54
C LEU E 66 -5.85 5.08 -25.72
N TYR E 67 -4.91 5.30 -26.63
CA TYR E 67 -4.45 4.25 -27.59
C TYR E 67 -3.11 3.71 -27.10
N TYR E 68 -2.94 2.38 -27.10
CA TYR E 68 -1.75 1.70 -26.56
C TYR E 68 -1.47 0.39 -27.25
N THR E 69 -0.17 0.07 -27.28
CA THR E 69 0.45 -1.14 -27.89
C THR E 69 1.65 -1.53 -27.00
N GLU E 70 1.78 -2.81 -26.60
CA GLU E 70 3.02 -3.33 -25.93
C GLU E 70 4.16 -2.95 -26.88
N PHE E 71 5.37 -2.71 -26.39
CA PHE E 71 6.57 -2.45 -27.22
C PHE E 71 7.82 -2.56 -26.36
N THR E 72 8.98 -2.63 -26.98
CA THR E 72 10.27 -2.51 -26.26
C THR E 72 11.04 -1.33 -26.81
N PRO E 73 11.19 -0.25 -26.04
CA PRO E 73 12.10 0.84 -26.42
C PRO E 73 13.53 0.37 -26.75
N THR E 74 14.21 1.05 -27.65
CA THR E 74 15.61 0.81 -28.05
C THR E 74 16.32 2.15 -28.26
N GLU E 75 17.58 2.15 -28.63
CA GLU E 75 18.40 3.37 -28.57
C GLU E 75 17.87 4.29 -29.63
N LYS E 76 17.53 3.75 -30.82
CA LYS E 76 17.32 4.54 -32.06
C LYS E 76 15.94 4.31 -32.67
N ASP E 77 15.27 3.15 -32.49
CA ASP E 77 13.85 3.00 -32.94
C ASP E 77 13.07 4.23 -32.45
N GLU E 78 12.38 4.94 -33.36
CA GLU E 78 11.65 6.21 -33.08
C GLU E 78 10.16 6.00 -33.22
N TYR E 79 9.43 6.24 -32.12
CA TYR E 79 7.98 6.05 -31.94
C TYR E 79 7.33 7.42 -31.99
N ALA E 80 6.12 7.52 -32.53
CA ALA E 80 5.30 8.75 -32.62
C ALA E 80 3.83 8.36 -32.59
N CYS E 81 2.96 9.35 -32.79
CA CYS E 81 1.48 9.22 -32.66
C CYS E 81 0.87 10.21 -33.62
N ARG E 82 0.13 9.74 -34.63
CA ARG E 82 -0.37 10.59 -35.73
C ARG E 82 -1.88 10.60 -35.59
N VAL E 83 -2.43 11.77 -35.34
CA VAL E 83 -3.83 11.93 -34.90
C VAL E 83 -4.50 12.84 -35.93
N ASN E 84 -5.63 12.40 -36.48
CA ASN E 84 -6.47 13.17 -37.43
C ASN E 84 -7.82 13.46 -36.76
N HIS E 85 -8.37 14.62 -37.07
CA HIS E 85 -9.63 15.15 -36.52
C HIS E 85 -10.15 16.19 -37.49
N VAL E 86 -11.44 16.47 -37.44
CA VAL E 86 -12.09 17.39 -38.41
C VAL E 86 -11.65 18.83 -38.11
N THR E 87 -11.01 19.08 -36.96
CA THR E 87 -10.42 20.40 -36.57
C THR E 87 -8.96 20.55 -37.06
N LEU E 88 -8.48 19.73 -38.02
CA LEU E 88 -7.04 19.66 -38.39
C LEU E 88 -6.87 19.62 -39.90
N SER E 89 -6.48 20.74 -40.50
CA SER E 89 -5.98 20.80 -41.89
C SER E 89 -4.99 19.66 -42.15
N GLN E 90 -4.06 19.38 -41.24
CA GLN E 90 -3.15 18.20 -41.37
C GLN E 90 -3.11 17.38 -40.08
N PRO E 91 -3.02 16.04 -40.21
CA PRO E 91 -2.86 15.18 -39.04
C PRO E 91 -1.68 15.70 -38.22
N LYS E 92 -1.80 15.68 -36.90
CA LYS E 92 -0.77 16.15 -35.95
C LYS E 92 0.08 14.92 -35.62
N ILE E 93 1.41 15.07 -35.59
CA ILE E 93 2.33 14.01 -35.15
C ILE E 93 2.99 14.49 -33.86
N VAL E 94 2.88 13.71 -32.78
CA VAL E 94 3.66 13.94 -31.52
C VAL E 94 4.71 12.82 -31.39
N LYS E 95 6.01 13.17 -31.58
CA LYS E 95 7.14 12.22 -31.45
C LYS E 95 7.32 11.95 -29.95
N TRP E 96 7.60 10.70 -29.56
CA TRP E 96 7.72 10.28 -28.15
C TRP E 96 9.10 10.67 -27.63
N ASP E 97 9.14 11.30 -26.46
CA ASP E 97 10.35 11.69 -25.73
C ASP E 97 10.32 10.92 -24.41
N ARG E 98 11.33 10.09 -24.15
CA ARG E 98 11.23 9.02 -23.12
C ARG E 98 11.32 9.63 -21.73
N ASP E 99 11.65 10.93 -21.67
CA ASP E 99 11.81 11.73 -20.43
C ASP E 99 10.63 12.77 -20.41
N MET E 100 9.44 12.37 -20.94
CA MET E 100 8.25 13.27 -21.12
C MET E 100 6.93 12.48 -21.27
N LEU F 1 -24.60 -0.18 -10.56
CA LEU F 1 -25.89 -0.68 -11.14
C LEU F 1 -26.57 0.46 -11.95
N LEU F 2 -26.84 0.18 -13.22
CA LEU F 2 -27.53 1.12 -14.13
C LEU F 2 -28.91 1.39 -13.55
N SER F 3 -29.46 2.55 -13.87
CA SER F 3 -30.87 2.86 -13.69
C SER F 3 -31.57 2.23 -14.87
C1 QCN F 4 -34.07 -2.75 -10.85
C2 QCN F 4 -34.72 -3.93 -11.55
C3 QCN F 4 -32.56 -2.95 -10.64
C4 QCN F 4 -34.72 -2.66 -9.49
N QCN F 4 -32.59 1.41 -14.62
CA QCN F 4 -33.38 0.82 -15.69
CB QCN F 4 -34.46 -0.17 -15.27
CG QCN F 4 -34.44 -0.28 -13.76
CD1 QCN F 4 -34.48 0.88 -13.04
CE1 QCN F 4 -34.42 0.86 -11.65
CZ QCN F 4 -34.31 -0.32 -10.94
OH QCN F 4 -34.30 -0.26 -9.54
CE2 QCN F 4 -34.24 -1.50 -11.65
CD2 QCN F 4 -34.30 -1.48 -13.07
C QCN F 4 -34.00 1.99 -16.42
O QCN F 4 -34.20 1.91 -17.62
N PHE F 5 -34.23 3.09 -15.67
CA PHE F 5 -35.14 4.16 -16.08
C PHE F 5 -34.37 5.35 -16.67
N GLY F 6 -34.14 5.31 -18.00
CA GLY F 6 -33.90 6.49 -18.88
C GLY F 6 -35.23 7.17 -19.23
N THR F 7 -35.25 8.18 -20.11
CA THR F 7 -36.53 8.81 -20.58
C THR F 7 -36.35 9.69 -21.83
N PRO F 8 -37.30 9.60 -22.79
CA PRO F 8 -37.14 10.30 -24.07
C PRO F 8 -37.27 11.83 -23.98
N THR F 9 -36.49 12.51 -24.80
CA THR F 9 -36.31 13.97 -24.79
C THR F 9 -37.55 14.65 -25.42
S SO4 G . 25.72 -22.98 39.76
O1 SO4 G . 25.55 -23.89 40.87
O2 SO4 G . 24.91 -21.80 39.98
O3 SO4 G . 25.31 -23.60 38.52
O4 SO4 G . 27.12 -22.59 39.67
S SO4 H . 25.26 -7.38 8.03
O1 SO4 H . 24.18 -6.78 8.76
O2 SO4 H . 26.02 -8.21 8.91
O3 SO4 H . 24.71 -8.21 6.96
O4 SO4 H . 26.09 -6.32 7.45
S SO4 I . -13.41 1.22 5.96
O1 SO4 I . -14.51 1.18 6.91
O2 SO4 I . -12.19 0.79 6.61
O3 SO4 I . -13.70 0.34 4.87
O4 SO4 I . -13.25 2.59 5.48
S SO4 J . 6.68 7.51 -18.20
O1 SO4 J . 5.99 8.49 -17.38
O2 SO4 J . 6.94 6.32 -17.38
O3 SO4 J . 7.92 8.05 -18.68
O4 SO4 J . 5.85 7.19 -19.34
#